data_2KE3
#
_entry.id   2KE3
#
_entity_poly.entity_id   1
_entity_poly.type   'polypeptide(L)'
_entity_poly.pdbx_seq_one_letter_code
;SKLEGSEDSLYSDYVDVFYNTKPYKHRDDRLLQALMDILNEEN
;
_entity_poly.pdbx_strand_id   A
#
# COMPACT_ATOMS: atom_id res chain seq x y z
N SER A 1 24.04 -13.78 0.47
CA SER A 1 22.71 -14.09 1.07
C SER A 1 22.85 -14.55 2.51
N LYS A 2 23.87 -15.36 2.77
CA LYS A 2 24.12 -15.87 4.11
C LYS A 2 25.59 -15.73 4.49
N LEU A 3 26.47 -16.13 3.58
CA LEU A 3 27.91 -16.06 3.81
C LEU A 3 28.31 -16.89 5.02
N GLU A 4 27.69 -18.07 5.15
CA GLU A 4 27.99 -18.96 6.26
C GLU A 4 27.88 -20.41 5.82
N GLY A 5 28.07 -21.33 6.78
CA GLY A 5 27.98 -22.75 6.47
C GLY A 5 26.63 -23.34 6.81
N SER A 6 25.57 -22.60 6.49
CA SER A 6 24.21 -23.06 6.76
C SER A 6 23.54 -23.54 5.48
N GLU A 7 22.24 -23.81 5.57
CA GLU A 7 21.48 -24.29 4.42
C GLU A 7 19.99 -24.05 4.62
N ASP A 8 19.28 -23.80 3.52
CA ASP A 8 17.84 -23.56 3.57
C ASP A 8 17.54 -22.32 4.42
N SER A 9 16.30 -21.84 4.33
CA SER A 9 15.88 -20.66 5.07
C SER A 9 14.81 -21.02 6.10
N LEU A 10 15.22 -21.23 7.34
CA LEU A 10 14.30 -21.58 8.41
C LEU A 10 14.68 -20.87 9.71
N TYR A 11 15.13 -19.63 9.59
CA TYR A 11 15.52 -18.84 10.75
C TYR A 11 15.58 -17.36 10.42
N SER A 12 16.12 -17.04 9.25
CA SER A 12 16.24 -15.67 8.79
C SER A 12 14.88 -14.97 8.80
N ASP A 13 13.82 -15.75 8.68
CA ASP A 13 12.46 -15.20 8.67
C ASP A 13 12.13 -14.56 10.01
N TYR A 14 12.23 -15.35 11.08
CA TYR A 14 11.94 -14.87 12.42
C TYR A 14 13.00 -13.87 12.87
N VAL A 15 14.22 -14.06 12.38
CA VAL A 15 15.34 -13.18 12.73
C VAL A 15 15.27 -11.87 11.94
N ASP A 16 14.73 -11.95 10.73
CA ASP A 16 14.61 -10.77 9.86
C ASP A 16 13.79 -9.68 10.55
N VAL A 17 12.91 -10.09 11.45
CA VAL A 17 12.07 -9.14 12.18
C VAL A 17 12.91 -8.19 13.02
N PHE A 18 13.98 -8.72 13.61
CA PHE A 18 14.87 -7.91 14.44
C PHE A 18 15.96 -7.27 13.60
N TYR A 19 16.39 -7.98 12.56
CA TYR A 19 17.44 -7.47 11.67
C TYR A 19 16.99 -6.19 10.98
N ASN A 20 15.77 -6.20 10.45
CA ASN A 20 15.23 -5.04 9.76
C ASN A 20 15.16 -3.83 10.69
N THR A 21 15.40 -2.65 10.14
CA THR A 21 15.36 -1.42 10.92
C THR A 21 15.33 -0.19 10.01
N LYS A 22 14.68 -0.33 8.86
CA LYS A 22 14.57 0.76 7.90
C LYS A 22 13.25 0.68 7.13
N PRO A 23 12.14 1.09 7.77
CA PRO A 23 10.82 1.07 7.15
C PRO A 23 10.68 2.11 6.04
N TYR A 24 10.47 1.64 4.81
CA TYR A 24 10.32 2.53 3.67
C TYR A 24 9.95 1.74 2.41
N LYS A 25 9.13 0.72 2.59
CA LYS A 25 8.70 -0.11 1.47
C LYS A 25 7.18 -0.24 1.45
N HIS A 26 6.57 0.25 0.37
CA HIS A 26 5.12 0.19 0.23
C HIS A 26 4.68 -1.18 -0.30
N ARG A 27 3.40 -1.48 -0.12
CA ARG A 27 2.86 -2.76 -0.57
C ARG A 27 1.35 -2.66 -0.80
N ASP A 28 0.86 -3.37 -1.80
CA ASP A 28 -0.56 -3.36 -2.13
C ASP A 28 -1.33 -4.30 -1.21
N ASP A 29 -0.72 -5.42 -0.87
CA ASP A 29 -1.35 -6.41 0.00
C ASP A 29 -1.54 -5.85 1.41
N ARG A 30 -0.68 -4.90 1.79
CA ARG A 30 -0.76 -4.29 3.12
C ARG A 30 -2.16 -3.75 3.40
N LEU A 31 -2.72 -3.01 2.45
CA LEU A 31 -4.04 -2.44 2.61
C LEU A 31 -5.09 -3.53 2.85
N LEU A 32 -4.89 -4.67 2.22
CA LEU A 32 -5.81 -5.80 2.37
C LEU A 32 -5.77 -6.31 3.81
N GLN A 33 -4.61 -6.21 4.45
CA GLN A 33 -4.44 -6.65 5.82
C GLN A 33 -5.33 -5.84 6.76
N ALA A 34 -5.34 -4.52 6.56
CA ALA A 34 -6.14 -3.64 7.39
C ALA A 34 -7.62 -3.82 7.11
N LEU A 35 -7.99 -3.82 5.84
CA LEU A 35 -9.38 -3.99 5.43
C LEU A 35 -9.89 -5.36 5.86
N MET A 36 -9.08 -6.39 5.61
CA MET A 36 -9.45 -7.76 5.98
C MET A 36 -9.39 -7.94 7.49
N ASP A 37 -8.54 -7.16 8.16
CA ASP A 37 -8.41 -7.25 9.60
C ASP A 37 -9.73 -6.90 10.29
N ILE A 38 -10.48 -5.98 9.70
CA ILE A 38 -11.76 -5.57 10.26
C ILE A 38 -12.73 -6.73 10.30
N LEU A 39 -12.89 -7.41 9.18
CA LEU A 39 -13.80 -8.55 9.10
C LEU A 39 -13.37 -9.66 10.04
N ASN A 40 -12.07 -9.77 10.27
CA ASN A 40 -11.53 -10.79 11.16
C ASN A 40 -12.09 -10.63 12.57
N GLU A 41 -12.39 -9.40 12.95
CA GLU A 41 -12.93 -9.11 14.27
C GLU A 41 -14.25 -9.83 14.49
N GLU A 42 -15.02 -9.98 13.42
CA GLU A 42 -16.31 -10.64 13.48
C GLU A 42 -16.95 -10.74 12.10
N ASN A 43 -16.56 -11.75 11.34
CA ASN A 43 -17.10 -11.95 10.00
C ASN A 43 -16.56 -13.23 9.37
N SER A 1 0.34 -31.75 -9.64
CA SER A 1 -0.79 -31.36 -10.53
C SER A 1 -0.63 -29.91 -11.01
N LYS A 2 -1.34 -29.58 -12.08
CA LYS A 2 -1.28 -28.24 -12.65
C LYS A 2 -2.59 -27.87 -13.34
N LEU A 3 -3.69 -28.41 -12.82
CA LEU A 3 -5.01 -28.14 -13.40
C LEU A 3 -6.00 -27.75 -12.31
N GLU A 4 -6.94 -26.88 -12.66
CA GLU A 4 -7.96 -26.44 -11.71
C GLU A 4 -9.35 -26.51 -12.33
N GLY A 5 -10.37 -26.51 -11.48
CA GLY A 5 -11.74 -26.56 -11.97
C GLY A 5 -12.65 -25.61 -11.24
N SER A 6 -12.98 -24.50 -11.89
CA SER A 6 -13.86 -23.50 -11.29
C SER A 6 -14.92 -23.04 -12.29
N GLU A 7 -15.78 -22.12 -11.86
CA GLU A 7 -16.84 -21.60 -12.71
C GLU A 7 -16.50 -20.21 -13.22
N ASP A 8 -17.42 -19.63 -13.99
CA ASP A 8 -17.21 -18.29 -14.54
C ASP A 8 -18.54 -17.52 -14.59
N SER A 9 -18.43 -16.20 -14.70
CA SER A 9 -19.61 -15.35 -14.76
C SER A 9 -20.44 -15.48 -13.49
N LEU A 10 -20.04 -14.76 -12.44
CA LEU A 10 -20.75 -14.81 -11.17
C LEU A 10 -20.13 -13.82 -10.17
N TYR A 11 -18.90 -14.12 -9.76
CA TYR A 11 -18.19 -13.27 -8.81
C TYR A 11 -16.78 -12.95 -9.30
N SER A 12 -16.64 -12.85 -10.62
CA SER A 12 -15.34 -12.55 -11.22
C SER A 12 -14.76 -11.26 -10.66
N ASP A 13 -15.63 -10.36 -10.22
CA ASP A 13 -15.21 -9.08 -9.66
C ASP A 13 -14.39 -9.30 -8.38
N TYR A 14 -14.99 -9.99 -7.42
CA TYR A 14 -14.33 -10.27 -6.15
C TYR A 14 -13.17 -11.24 -6.35
N VAL A 15 -13.31 -12.12 -7.33
CA VAL A 15 -12.28 -13.11 -7.64
C VAL A 15 -11.12 -12.48 -8.40
N ASP A 16 -11.43 -11.51 -9.24
CA ASP A 16 -10.41 -10.83 -10.03
C ASP A 16 -9.64 -9.82 -9.19
N VAL A 17 -10.29 -9.29 -8.15
CA VAL A 17 -9.66 -8.30 -7.29
C VAL A 17 -8.94 -8.96 -6.11
N PHE A 18 -9.55 -10.02 -5.58
CA PHE A 18 -8.96 -10.73 -4.44
C PHE A 18 -8.18 -11.95 -4.90
N TYR A 19 -8.77 -12.72 -5.81
CA TYR A 19 -8.12 -13.92 -6.33
C TYR A 19 -7.39 -13.63 -7.65
N ASN A 20 -6.66 -12.52 -7.67
CA ASN A 20 -5.92 -12.12 -8.86
C ASN A 20 -5.08 -10.88 -8.59
N THR A 21 -4.52 -10.80 -7.37
CA THR A 21 -3.69 -9.66 -6.99
C THR A 21 -2.23 -10.09 -6.84
N LYS A 22 -1.51 -10.10 -7.97
CA LYS A 22 -0.10 -10.48 -7.96
C LYS A 22 0.77 -9.35 -8.51
N PRO A 23 0.65 -8.15 -7.93
CA PRO A 23 1.44 -6.98 -8.37
C PRO A 23 2.91 -7.12 -8.03
N TYR A 24 3.73 -6.24 -8.59
CA TYR A 24 5.16 -6.25 -8.35
C TYR A 24 5.58 -5.09 -7.44
N LYS A 25 4.71 -4.76 -6.49
CA LYS A 25 4.99 -3.67 -5.55
C LYS A 25 4.42 -3.99 -4.17
N HIS A 26 4.95 -3.33 -3.15
CA HIS A 26 4.49 -3.54 -1.78
C HIS A 26 3.68 -2.35 -1.29
N ARG A 27 2.38 -2.38 -1.59
CA ARG A 27 1.48 -1.30 -1.18
C ARG A 27 0.07 -1.83 -0.96
N ASP A 28 -0.57 -2.28 -2.05
CA ASP A 28 -1.92 -2.82 -1.97
C ASP A 28 -1.99 -4.02 -1.05
N ASP A 29 -0.88 -4.77 -0.97
CA ASP A 29 -0.82 -5.95 -0.12
C ASP A 29 -1.08 -5.59 1.34
N ARG A 30 -0.46 -4.50 1.80
CA ARG A 30 -0.62 -4.06 3.18
C ARG A 30 -2.08 -3.70 3.46
N LEU A 31 -2.77 -3.20 2.45
CA LEU A 31 -4.17 -2.83 2.60
C LEU A 31 -5.01 -4.05 2.93
N LEU A 32 -4.70 -5.18 2.30
CA LEU A 32 -5.43 -6.42 2.54
C LEU A 32 -5.37 -6.79 4.02
N GLN A 33 -4.23 -6.52 4.64
CA GLN A 33 -4.04 -6.82 6.06
C GLN A 33 -5.07 -6.07 6.90
N ALA A 34 -5.20 -4.77 6.64
CA ALA A 34 -6.15 -3.95 7.38
C ALA A 34 -7.58 -4.28 6.99
N LEU A 35 -7.84 -4.35 5.69
CA LEU A 35 -9.18 -4.67 5.18
C LEU A 35 -9.68 -5.98 5.77
N MET A 36 -8.85 -7.02 5.69
CA MET A 36 -9.20 -8.33 6.21
C MET A 36 -9.29 -8.30 7.74
N ASP A 37 -8.37 -7.56 8.35
CA ASP A 37 -8.35 -7.44 9.81
C ASP A 37 -9.66 -6.89 10.34
N ILE A 38 -10.16 -5.84 9.70
CA ILE A 38 -11.41 -5.21 10.11
C ILE A 38 -12.58 -6.18 9.98
N LEU A 39 -12.60 -6.93 8.88
CA LEU A 39 -13.66 -7.91 8.65
C LEU A 39 -13.68 -8.97 9.73
N ASN A 40 -12.49 -9.32 10.24
CA ASN A 40 -12.36 -10.34 11.28
C ASN A 40 -13.14 -9.93 12.52
N GLU A 41 -13.16 -8.63 12.81
CA GLU A 41 -13.86 -8.11 13.97
C GLU A 41 -15.35 -8.43 13.89
N GLU A 42 -15.88 -8.50 12.68
CA GLU A 42 -17.30 -8.80 12.46
C GLU A 42 -18.17 -7.75 13.12
N ASN A 43 -18.55 -6.72 12.36
CA ASN A 43 -19.40 -5.65 12.87
C ASN A 43 -20.85 -5.89 12.50
N SER A 1 10.71 -1.67 -26.91
CA SER A 1 9.85 -2.76 -27.41
C SER A 1 8.97 -2.29 -28.56
N LYS A 2 8.44 -3.23 -29.32
CA LYS A 2 7.58 -2.91 -30.46
C LYS A 2 6.11 -3.11 -30.10
N LEU A 3 5.83 -4.07 -29.23
CA LEU A 3 4.47 -4.35 -28.80
C LEU A 3 3.61 -4.77 -29.99
N GLU A 4 2.36 -5.11 -29.71
CA GLU A 4 1.43 -5.53 -30.77
C GLU A 4 0.10 -4.82 -30.62
N GLY A 5 -0.60 -5.09 -29.53
CA GLY A 5 -1.89 -4.46 -29.30
C GLY A 5 -3.05 -5.31 -29.76
N SER A 6 -2.99 -5.75 -31.02
CA SER A 6 -4.04 -6.59 -31.60
C SER A 6 -5.34 -5.81 -31.75
N GLU A 7 -5.99 -5.52 -30.62
CA GLU A 7 -7.24 -4.77 -30.63
C GLU A 7 -6.99 -3.27 -30.62
N ASP A 8 -5.80 -2.87 -30.15
CA ASP A 8 -5.45 -1.46 -30.09
C ASP A 8 -3.97 -1.29 -29.72
N SER A 9 -3.36 -0.24 -30.25
CA SER A 9 -1.95 0.03 -29.98
C SER A 9 -1.57 1.44 -30.43
N LEU A 10 -2.52 2.37 -30.30
CA LEU A 10 -2.28 3.75 -30.70
C LEU A 10 -2.30 4.68 -29.48
N TYR A 11 -3.42 4.69 -28.77
CA TYR A 11 -3.56 5.53 -27.59
C TYR A 11 -3.53 4.69 -26.32
N SER A 12 -2.35 4.17 -25.99
CA SER A 12 -2.18 3.34 -24.79
C SER A 12 -2.64 4.09 -23.54
N ASP A 13 -2.62 5.42 -23.60
CA ASP A 13 -3.03 6.24 -22.47
C ASP A 13 -4.51 6.04 -22.18
N TYR A 14 -5.34 6.29 -23.18
CA TYR A 14 -6.79 6.15 -23.04
C TYR A 14 -7.16 4.67 -22.89
N VAL A 15 -6.38 3.81 -23.52
CA VAL A 15 -6.64 2.37 -23.46
C VAL A 15 -6.16 1.78 -22.13
N ASP A 16 -5.11 2.37 -21.57
CA ASP A 16 -4.56 1.90 -20.30
C ASP A 16 -5.62 1.98 -19.20
N VAL A 17 -6.57 2.91 -19.35
CA VAL A 17 -7.63 3.08 -18.38
C VAL A 17 -8.46 1.82 -18.22
N PHE A 18 -8.55 1.03 -19.30
CA PHE A 18 -9.30 -0.20 -19.29
C PHE A 18 -8.50 -1.33 -18.64
N TYR A 19 -7.18 -1.26 -18.76
CA TYR A 19 -6.30 -2.27 -18.19
C TYR A 19 -6.47 -2.34 -16.67
N ASN A 20 -6.08 -1.27 -15.99
CA ASN A 20 -6.18 -1.21 -14.53
C ASN A 20 -5.39 -2.34 -13.88
N THR A 21 -4.23 -1.99 -13.31
CA THR A 21 -3.39 -2.98 -12.66
C THR A 21 -3.44 -2.81 -11.14
N LYS A 22 -2.89 -1.70 -10.66
CA LYS A 22 -2.87 -1.42 -9.22
C LYS A 22 -2.93 0.08 -8.97
N PRO A 23 -3.56 0.49 -7.85
CA PRO A 23 -3.67 1.92 -7.49
C PRO A 23 -2.35 2.51 -7.05
N TYR A 24 -1.63 1.79 -6.19
CA TYR A 24 -0.35 2.25 -5.70
C TYR A 24 0.81 1.52 -6.38
N LYS A 25 0.56 0.27 -6.77
CA LYS A 25 1.57 -0.54 -7.43
C LYS A 25 2.77 -0.77 -6.51
N HIS A 26 2.50 -0.83 -5.21
CA HIS A 26 3.56 -1.05 -4.22
C HIS A 26 2.98 -1.16 -2.82
N ARG A 27 3.24 -2.28 -2.16
CA ARG A 27 2.74 -2.52 -0.82
C ARG A 27 1.21 -2.48 -0.78
N ASP A 28 0.59 -2.89 -1.88
CA ASP A 28 -0.87 -2.90 -1.97
C ASP A 28 -1.46 -4.02 -1.12
N ASP A 29 -0.72 -5.10 -0.98
CA ASP A 29 -1.16 -6.25 -0.19
C ASP A 29 -1.38 -5.85 1.27
N ARG A 30 -0.62 -4.86 1.73
CA ARG A 30 -0.74 -4.38 3.10
C ARG A 30 -2.15 -3.89 3.39
N LEU A 31 -2.79 -3.34 2.37
CA LEU A 31 -4.15 -2.82 2.51
C LEU A 31 -5.12 -3.94 2.88
N LEU A 32 -4.93 -5.10 2.26
CA LEU A 32 -5.78 -6.25 2.53
C LEU A 32 -5.71 -6.64 4.00
N GLN A 33 -4.55 -6.47 4.60
CA GLN A 33 -4.35 -6.79 6.00
C GLN A 33 -5.25 -5.92 6.88
N ALA A 34 -5.26 -4.63 6.61
CA ALA A 34 -6.09 -3.70 7.37
C ALA A 34 -7.57 -3.91 7.08
N LEU A 35 -7.91 -3.99 5.80
CA LEU A 35 -9.29 -4.20 5.40
C LEU A 35 -9.82 -5.52 5.93
N MET A 36 -9.00 -6.57 5.81
CA MET A 36 -9.39 -7.89 6.29
C MET A 36 -9.43 -7.93 7.82
N ASP A 37 -8.63 -7.08 8.45
CA ASP A 37 -8.57 -7.02 9.90
C ASP A 37 -9.94 -6.63 10.48
N ILE A 38 -10.65 -5.75 9.78
CA ILE A 38 -11.95 -5.30 10.22
C ILE A 38 -12.95 -6.45 10.26
N LEU A 39 -13.05 -7.18 9.15
CA LEU A 39 -13.97 -8.30 9.05
C LEU A 39 -13.43 -9.51 9.83
N ASN A 40 -12.11 -9.67 9.84
CA ASN A 40 -11.48 -10.76 10.54
C ASN A 40 -11.03 -10.34 11.93
N GLU A 41 -11.88 -9.57 12.62
CA GLU A 41 -11.57 -9.09 13.96
C GLU A 41 -11.36 -10.26 14.91
N GLU A 42 -12.04 -11.37 14.65
CA GLU A 42 -11.92 -12.56 15.48
C GLU A 42 -12.34 -12.27 16.92
N ASN A 43 -13.41 -11.48 17.07
CA ASN A 43 -13.92 -11.12 18.39
C ASN A 43 -12.87 -10.38 19.19
N SER A 1 22.50 5.27 -22.95
CA SER A 1 23.32 4.60 -23.99
C SER A 1 24.46 5.50 -24.46
N LYS A 2 25.05 6.23 -23.53
CA LYS A 2 26.15 7.14 -23.84
C LYS A 2 27.17 7.18 -22.72
N LEU A 3 27.33 6.05 -22.03
CA LEU A 3 28.27 5.95 -20.92
C LEU A 3 29.49 5.12 -21.33
N GLU A 4 30.63 5.44 -20.71
CA GLU A 4 31.87 4.72 -21.00
C GLU A 4 32.71 4.54 -19.74
N GLY A 5 32.03 4.42 -18.61
CA GLY A 5 32.72 4.23 -17.34
C GLY A 5 32.56 2.84 -16.78
N SER A 6 32.53 2.74 -15.45
CA SER A 6 32.37 1.45 -14.80
C SER A 6 30.97 1.30 -14.20
N GLU A 7 30.58 0.07 -13.90
CA GLU A 7 29.26 -0.21 -13.33
C GLU A 7 29.35 -0.38 -11.82
N ASP A 8 28.68 0.50 -11.08
CA ASP A 8 28.69 0.45 -9.63
C ASP A 8 27.37 -0.10 -9.11
N SER A 9 27.36 -0.49 -7.83
CA SER A 9 26.16 -1.04 -7.21
C SER A 9 26.39 -1.29 -5.72
N LEU A 10 27.15 -0.39 -5.09
CA LEU A 10 27.43 -0.51 -3.66
C LEU A 10 26.18 -0.28 -2.83
N TYR A 11 25.30 0.57 -3.33
CA TYR A 11 24.05 0.88 -2.63
C TYR A 11 22.85 0.66 -3.54
N SER A 12 22.45 -0.59 -3.69
CA SER A 12 21.31 -0.94 -4.53
C SER A 12 20.05 -0.20 -4.08
N ASP A 13 20.03 0.21 -2.82
CA ASP A 13 18.88 0.93 -2.28
C ASP A 13 18.68 2.25 -3.00
N TYR A 14 19.70 3.10 -2.97
CA TYR A 14 19.65 4.40 -3.62
C TYR A 14 19.63 4.24 -5.13
N VAL A 15 20.28 3.18 -5.63
CA VAL A 15 20.34 2.91 -7.04
C VAL A 15 19.01 2.34 -7.56
N ASP A 16 18.33 1.59 -6.70
CA ASP A 16 17.06 0.99 -7.06
C ASP A 16 16.00 2.07 -7.31
N VAL A 17 16.18 3.22 -6.68
CA VAL A 17 15.24 4.33 -6.84
C VAL A 17 15.14 4.76 -8.31
N PHE A 18 16.23 4.56 -9.04
CA PHE A 18 16.27 4.93 -10.46
C PHE A 18 15.59 3.85 -11.31
N TYR A 19 15.68 2.61 -10.87
CA TYR A 19 15.09 1.49 -11.59
C TYR A 19 13.58 1.65 -11.68
N ASN A 20 12.96 2.03 -10.56
CA ASN A 20 11.51 2.21 -10.51
C ASN A 20 10.79 0.90 -10.84
N THR A 21 11.35 -0.21 -10.39
CA THR A 21 10.76 -1.52 -10.63
C THR A 21 11.05 -2.47 -9.48
N LYS A 22 10.22 -3.50 -9.34
CA LYS A 22 10.38 -4.48 -8.28
C LYS A 22 10.29 -3.83 -6.91
N PRO A 23 9.06 -3.70 -6.37
CA PRO A 23 8.83 -3.08 -5.06
C PRO A 23 9.70 -3.70 -3.97
N TYR A 24 10.20 -2.85 -3.07
CA TYR A 24 11.05 -3.32 -1.98
C TYR A 24 10.23 -4.04 -0.92
N LYS A 25 9.07 -3.49 -0.59
CA LYS A 25 8.20 -4.09 0.42
C LYS A 25 6.77 -4.21 -0.12
N HIS A 26 5.87 -4.72 0.73
CA HIS A 26 4.48 -4.88 0.35
C HIS A 26 3.65 -3.68 0.75
N ARG A 27 3.13 -2.96 -0.24
CA ARG A 27 2.31 -1.78 0.01
C ARG A 27 0.84 -2.05 -0.29
N ASP A 28 0.55 -2.43 -1.53
CA ASP A 28 -0.82 -2.72 -1.93
C ASP A 28 -1.38 -3.88 -1.12
N ASP A 29 -0.63 -4.96 -1.03
CA ASP A 29 -1.05 -6.14 -0.29
C ASP A 29 -1.30 -5.80 1.18
N ARG A 30 -0.55 -4.82 1.69
CA ARG A 30 -0.70 -4.39 3.09
C ARG A 30 -2.11 -3.91 3.37
N LEU A 31 -2.73 -3.29 2.37
CA LEU A 31 -4.09 -2.77 2.52
C LEU A 31 -5.06 -3.91 2.84
N LEU A 32 -4.89 -5.03 2.16
CA LEU A 32 -5.75 -6.20 2.37
C LEU A 32 -5.69 -6.64 3.83
N GLN A 33 -4.52 -6.51 4.45
CA GLN A 33 -4.34 -6.88 5.84
C GLN A 33 -5.23 -6.05 6.75
N ALA A 34 -5.24 -4.73 6.51
CA ALA A 34 -6.05 -3.82 7.31
C ALA A 34 -7.54 -4.01 7.01
N LEU A 35 -7.87 -4.04 5.72
CA LEU A 35 -9.26 -4.22 5.31
C LEU A 35 -9.81 -5.53 5.82
N MET A 36 -9.06 -6.61 5.63
CA MET A 36 -9.47 -7.93 6.08
C MET A 36 -9.46 -8.01 7.61
N ASP A 37 -8.58 -7.23 8.23
CA ASP A 37 -8.48 -7.20 9.70
C ASP A 37 -9.79 -6.77 10.32
N ILE A 38 -10.51 -5.87 9.65
CA ILE A 38 -11.79 -5.38 10.14
C ILE A 38 -12.81 -6.51 10.25
N LEU A 39 -12.96 -7.27 9.17
CA LEU A 39 -13.90 -8.38 9.15
C LEU A 39 -13.53 -9.44 10.18
N ASN A 40 -12.23 -9.59 10.42
CA ASN A 40 -11.75 -10.56 11.39
C ASN A 40 -12.28 -10.26 12.78
N GLU A 41 -12.49 -8.97 13.06
CA GLU A 41 -13.00 -8.55 14.36
C GLU A 41 -14.36 -9.17 14.64
N GLU A 42 -15.30 -8.95 13.73
CA GLU A 42 -16.65 -9.48 13.87
C GLU A 42 -16.74 -10.90 13.31
N ASN A 43 -15.85 -11.77 13.77
CA ASN A 43 -15.83 -13.16 13.31
C ASN A 43 -15.27 -14.08 14.38
N SER A 1 -20.79 16.80 -4.94
CA SER A 1 -20.84 18.24 -5.31
C SER A 1 -22.09 18.55 -6.14
N LYS A 2 -22.10 18.09 -7.38
CA LYS A 2 -23.22 18.31 -8.27
C LYS A 2 -24.46 17.54 -7.81
N LEU A 3 -24.27 16.26 -7.54
CA LEU A 3 -25.37 15.41 -7.07
C LEU A 3 -24.98 14.64 -5.82
N GLU A 4 -25.95 13.97 -5.21
CA GLU A 4 -25.71 13.19 -4.01
C GLU A 4 -25.14 11.82 -4.34
N GLY A 5 -25.69 11.19 -5.38
CA GLY A 5 -25.23 9.88 -5.79
C GLY A 5 -25.38 8.84 -4.69
N SER A 6 -25.25 7.57 -5.06
CA SER A 6 -25.37 6.48 -4.10
C SER A 6 -24.01 6.10 -3.54
N GLU A 7 -23.05 5.86 -4.42
CA GLU A 7 -21.71 5.49 -4.01
C GLU A 7 -21.71 4.19 -3.22
N ASP A 8 -22.60 3.28 -3.61
CA ASP A 8 -22.71 1.99 -2.93
C ASP A 8 -22.12 0.88 -3.78
N SER A 9 -21.00 0.32 -3.32
CA SER A 9 -20.33 -0.76 -4.03
C SER A 9 -20.07 -1.95 -3.11
N LEU A 10 -20.34 -3.15 -3.61
CA LEU A 10 -20.14 -4.36 -2.83
C LEU A 10 -18.93 -5.14 -3.34
N TYR A 11 -19.09 -5.81 -4.48
CA TYR A 11 -18.02 -6.59 -5.07
C TYR A 11 -17.50 -5.95 -6.35
N SER A 12 -18.33 -5.10 -6.96
CA SER A 12 -17.96 -4.41 -8.19
C SER A 12 -16.66 -3.63 -8.01
N ASP A 13 -16.37 -3.23 -6.78
CA ASP A 13 -15.15 -2.48 -6.49
C ASP A 13 -13.92 -3.32 -6.82
N TYR A 14 -13.83 -4.50 -6.22
CA TYR A 14 -12.71 -5.40 -6.44
C TYR A 14 -12.73 -5.94 -7.87
N VAL A 15 -13.94 -6.09 -8.41
CA VAL A 15 -14.09 -6.61 -9.77
C VAL A 15 -13.76 -5.54 -10.81
N ASP A 16 -14.02 -4.28 -10.46
CA ASP A 16 -13.75 -3.17 -11.36
C ASP A 16 -12.27 -3.13 -11.74
N VAL A 17 -11.42 -3.66 -10.86
CA VAL A 17 -9.99 -3.69 -11.11
C VAL A 17 -9.63 -4.71 -12.19
N PHE A 18 -10.44 -5.76 -12.29
CA PHE A 18 -10.21 -6.81 -13.28
C PHE A 18 -10.85 -6.44 -14.61
N TYR A 19 -11.92 -5.66 -14.55
CA TYR A 19 -12.62 -5.23 -15.76
C TYR A 19 -12.18 -3.84 -16.19
N ASN A 20 -10.90 -3.53 -15.98
CA ASN A 20 -10.36 -2.24 -16.34
C ASN A 20 -8.87 -2.17 -16.04
N THR A 21 -8.27 -1.00 -16.26
CA THR A 21 -6.84 -0.81 -16.02
C THR A 21 -6.61 -0.06 -14.71
N LYS A 22 -6.32 -0.81 -13.65
CA LYS A 22 -6.08 -0.22 -12.34
C LYS A 22 -4.60 -0.31 -11.97
N PRO A 23 -3.92 0.85 -11.82
CA PRO A 23 -2.49 0.88 -11.47
C PRO A 23 -2.24 0.43 -10.04
N TYR A 24 -3.30 0.33 -9.25
CA TYR A 24 -3.19 -0.09 -7.86
C TYR A 24 -2.49 0.96 -7.02
N LYS A 25 -1.21 1.17 -7.28
CA LYS A 25 -0.43 2.16 -6.54
C LYS A 25 -0.42 1.85 -5.06
N HIS A 26 0.55 2.43 -4.34
CA HIS A 26 0.67 2.21 -2.90
C HIS A 26 0.86 0.73 -2.58
N ARG A 27 0.76 0.39 -1.30
CA ARG A 27 0.93 -0.99 -0.87
C ARG A 27 -0.42 -1.71 -0.83
N ASP A 28 -0.78 -2.34 -1.95
CA ASP A 28 -2.03 -3.06 -2.05
C ASP A 28 -2.05 -4.26 -1.10
N ASP A 29 -0.90 -4.90 -0.94
CA ASP A 29 -0.77 -6.05 -0.06
C ASP A 29 -1.07 -5.68 1.38
N ARG A 30 -0.42 -4.61 1.86
CA ARG A 30 -0.61 -4.15 3.23
C ARG A 30 -2.06 -3.76 3.46
N LEU A 31 -2.72 -3.26 2.43
CA LEU A 31 -4.11 -2.85 2.54
C LEU A 31 -5.00 -4.04 2.90
N LEU A 32 -4.73 -5.18 2.27
CA LEU A 32 -5.49 -6.39 2.54
C LEU A 32 -5.43 -6.75 4.02
N GLN A 33 -4.29 -6.51 4.64
CA GLN A 33 -4.10 -6.80 6.05
C GLN A 33 -5.07 -5.97 6.90
N ALA A 34 -5.14 -4.68 6.61
CA ALA A 34 -6.01 -3.78 7.35
C ALA A 34 -7.48 -4.06 7.03
N LEU A 35 -7.79 -4.17 5.74
CA LEU A 35 -9.16 -4.45 5.31
C LEU A 35 -9.63 -5.78 5.86
N MET A 36 -8.78 -6.80 5.77
CA MET A 36 -9.11 -8.13 6.26
C MET A 36 -9.21 -8.14 7.78
N ASP A 37 -8.43 -7.27 8.42
CA ASP A 37 -8.42 -7.19 9.87
C ASP A 37 -9.79 -6.79 10.40
N ILE A 38 -10.37 -5.75 9.80
CA ILE A 38 -11.68 -5.26 10.21
C ILE A 38 -12.75 -6.34 10.01
N LEU A 39 -12.69 -7.02 8.86
CA LEU A 39 -13.65 -8.08 8.57
C LEU A 39 -13.55 -9.21 9.58
N ASN A 40 -12.35 -9.48 10.06
CA ASN A 40 -12.11 -10.53 11.03
C ASN A 40 -12.90 -10.27 12.32
N GLU A 41 -12.71 -9.08 12.88
CA GLU A 41 -13.41 -8.70 14.10
C GLU A 41 -14.92 -8.72 13.91
N GLU A 42 -15.39 -8.07 12.85
CA GLU A 42 -16.80 -8.01 12.55
C GLU A 42 -17.24 -9.22 11.72
N ASN A 43 -16.92 -10.42 12.21
CA ASN A 43 -17.27 -11.64 11.51
C ASN A 43 -18.75 -11.97 11.69
N SER A 1 2.74 18.11 -45.84
CA SER A 1 2.88 19.48 -45.28
C SER A 1 3.04 19.44 -43.77
N LYS A 2 3.92 20.29 -43.25
CA LYS A 2 4.18 20.35 -41.82
C LYS A 2 4.50 21.77 -41.38
N LEU A 3 3.46 22.55 -41.12
CA LEU A 3 3.63 23.94 -40.69
C LEU A 3 3.98 24.02 -39.21
N GLU A 4 4.95 24.86 -38.87
CA GLU A 4 5.38 25.02 -37.49
C GLU A 4 5.90 23.71 -36.93
N GLY A 5 7.20 23.64 -36.69
CA GLY A 5 7.81 22.45 -36.14
C GLY A 5 8.83 22.73 -35.07
N SER A 6 8.35 22.92 -33.84
CA SER A 6 9.24 23.22 -32.71
C SER A 6 8.88 22.36 -31.50
N GLU A 7 9.37 21.13 -31.49
CA GLU A 7 9.09 20.21 -30.38
C GLU A 7 10.24 20.22 -29.37
N ASP A 8 10.00 19.61 -28.21
CA ASP A 8 11.01 19.54 -27.16
C ASP A 8 11.65 18.17 -27.11
N SER A 9 12.86 18.06 -27.66
CA SER A 9 13.59 16.79 -27.67
C SER A 9 15.09 17.03 -27.69
N LEU A 10 15.53 18.06 -26.99
CA LEU A 10 16.96 18.40 -26.91
C LEU A 10 17.60 17.76 -25.69
N TYR A 11 17.12 18.12 -24.51
CA TYR A 11 17.65 17.59 -23.27
C TYR A 11 16.65 16.63 -22.60
N SER A 12 15.39 16.76 -22.98
CA SER A 12 14.34 15.90 -22.41
C SER A 12 14.68 14.42 -22.60
N ASP A 13 15.45 14.13 -23.64
CA ASP A 13 15.85 12.74 -23.92
C ASP A 13 16.68 12.18 -22.77
N TYR A 14 17.77 12.87 -22.45
CA TYR A 14 18.65 12.44 -21.37
C TYR A 14 17.96 12.59 -20.02
N VAL A 15 17.07 13.58 -19.91
CA VAL A 15 16.34 13.83 -18.68
C VAL A 15 15.22 12.81 -18.49
N ASP A 16 14.65 12.35 -19.60
CA ASP A 16 13.56 11.37 -19.55
C ASP A 16 14.03 10.09 -18.87
N VAL A 17 15.32 9.81 -18.94
CA VAL A 17 15.90 8.61 -18.34
C VAL A 17 15.65 8.59 -16.83
N PHE A 18 15.47 9.77 -16.24
CA PHE A 18 15.24 9.88 -14.81
C PHE A 18 13.76 9.70 -14.49
N TYR A 19 12.90 10.08 -15.43
CA TYR A 19 11.46 9.97 -15.25
C TYR A 19 10.92 8.71 -15.92
N ASN A 20 11.76 7.68 -15.99
CA ASN A 20 11.37 6.41 -16.61
C ASN A 20 10.24 5.76 -15.83
N THR A 21 10.52 5.35 -14.60
CA THR A 21 9.53 4.70 -13.76
C THR A 21 9.34 5.47 -12.45
N LYS A 22 8.51 4.94 -11.56
CA LYS A 22 8.24 5.57 -10.27
C LYS A 22 8.86 4.75 -9.13
N PRO A 23 10.06 5.14 -8.68
CA PRO A 23 10.76 4.44 -7.59
C PRO A 23 9.88 4.29 -6.36
N TYR A 24 10.46 3.75 -5.28
CA TYR A 24 9.73 3.54 -4.03
C TYR A 24 8.67 2.44 -4.20
N LYS A 25 7.63 2.75 -4.97
CA LYS A 25 6.55 1.79 -5.20
C LYS A 25 5.84 1.45 -3.90
N HIS A 26 4.53 1.70 -3.86
CA HIS A 26 3.74 1.41 -2.67
C HIS A 26 3.40 -0.08 -2.59
N ARG A 27 2.64 -0.45 -1.57
CA ARG A 27 2.24 -1.85 -1.37
C ARG A 27 0.74 -1.96 -1.20
N ASP A 28 0.08 -2.62 -2.15
CA ASP A 28 -1.36 -2.81 -2.09
C ASP A 28 -1.73 -3.96 -1.16
N ASP A 29 -0.83 -4.94 -1.06
CA ASP A 29 -1.06 -6.09 -0.20
C ASP A 29 -1.29 -5.67 1.25
N ARG A 30 -0.65 -4.57 1.64
CA ARG A 30 -0.78 -4.05 3.00
C ARG A 30 -2.23 -3.71 3.31
N LEU A 31 -2.96 -3.26 2.30
CA LEU A 31 -4.36 -2.90 2.47
C LEU A 31 -5.18 -4.12 2.91
N LEU A 32 -4.87 -5.26 2.32
CA LEU A 32 -5.58 -6.50 2.65
C LEU A 32 -5.45 -6.80 4.14
N GLN A 33 -4.29 -6.49 4.70
CA GLN A 33 -4.04 -6.73 6.12
C GLN A 33 -5.02 -5.93 6.98
N ALA A 34 -5.18 -4.65 6.65
CA ALA A 34 -6.08 -3.77 7.38
C ALA A 34 -7.53 -4.14 7.11
N LEU A 35 -7.87 -4.31 5.84
CA LEU A 35 -9.23 -4.67 5.45
C LEU A 35 -9.62 -6.01 6.06
N MET A 36 -8.70 -6.97 6.00
CA MET A 36 -8.95 -8.30 6.55
C MET A 36 -9.09 -8.24 8.06
N ASP A 37 -8.40 -7.28 8.68
CA ASP A 37 -8.44 -7.13 10.13
C ASP A 37 -9.83 -6.68 10.59
N ILE A 38 -10.40 -5.70 9.90
CA ILE A 38 -11.72 -5.19 10.25
C ILE A 38 -12.80 -6.24 10.04
N LEU A 39 -12.83 -6.84 8.85
CA LEU A 39 -13.82 -7.86 8.54
C LEU A 39 -13.65 -9.08 9.44
N ASN A 40 -12.40 -9.44 9.71
CA ASN A 40 -12.10 -10.59 10.55
C ASN A 40 -12.38 -10.26 12.02
N GLU A 41 -12.17 -9.00 12.39
CA GLU A 41 -12.40 -8.55 13.75
C GLU A 41 -11.69 -9.46 14.76
N GLU A 42 -10.43 -9.15 15.04
CA GLU A 42 -9.63 -9.93 15.97
C GLU A 42 -8.26 -9.30 16.18
N ASN A 43 -8.23 -7.98 16.26
CA ASN A 43 -6.98 -7.25 16.47
C ASN A 43 -6.00 -7.53 15.34
N SER A 1 39.87 -2.99 -25.71
CA SER A 1 39.23 -2.33 -26.89
C SER A 1 37.71 -2.38 -26.78
N LYS A 2 37.07 -1.23 -27.02
CA LYS A 2 35.62 -1.13 -26.95
C LYS A 2 35.12 0.07 -27.74
N LEU A 3 33.89 -0.05 -28.27
CA LEU A 3 33.30 1.03 -29.05
C LEU A 3 31.78 1.01 -28.92
N GLU A 4 31.19 2.19 -28.82
CA GLU A 4 29.74 2.31 -28.70
C GLU A 4 29.24 1.61 -27.44
N GLY A 5 28.99 2.39 -26.39
CA GLY A 5 28.51 1.81 -25.14
C GLY A 5 29.65 1.45 -24.20
N SER A 6 29.74 2.18 -23.09
CA SER A 6 30.78 1.94 -22.11
C SER A 6 30.23 2.03 -20.69
N GLU A 7 30.12 0.89 -20.02
CA GLU A 7 29.61 0.85 -18.65
C GLU A 7 28.17 1.37 -18.60
N ASP A 8 27.41 1.10 -19.65
CA ASP A 8 26.02 1.54 -19.72
C ASP A 8 25.09 0.36 -19.97
N SER A 9 23.87 0.46 -19.45
CA SER A 9 22.88 -0.60 -19.63
C SER A 9 23.37 -1.91 -19.02
N LEU A 10 23.19 -2.06 -17.70
CA LEU A 10 23.62 -3.25 -17.01
C LEU A 10 22.57 -3.71 -15.99
N TYR A 11 22.09 -2.75 -15.20
CA TYR A 11 21.08 -3.05 -14.19
C TYR A 11 20.08 -1.91 -14.05
N SER A 12 20.60 -0.69 -14.05
CA SER A 12 19.77 0.51 -13.93
C SER A 12 18.66 0.51 -14.98
N ASP A 13 18.89 -0.17 -16.09
CA ASP A 13 17.89 -0.24 -17.16
C ASP A 13 16.63 -0.95 -16.68
N TYR A 14 16.79 -2.20 -16.26
CA TYR A 14 15.67 -3.00 -15.78
C TYR A 14 15.14 -2.44 -14.46
N VAL A 15 16.04 -1.85 -13.67
CA VAL A 15 15.66 -1.29 -12.38
C VAL A 15 14.98 0.07 -12.56
N ASP A 16 15.35 0.78 -13.61
CA ASP A 16 14.77 2.09 -13.90
C ASP A 16 13.26 1.98 -14.03
N VAL A 17 12.77 0.82 -14.42
CA VAL A 17 11.34 0.58 -14.59
C VAL A 17 10.59 0.84 -13.28
N PHE A 18 11.26 0.59 -12.17
CA PHE A 18 10.67 0.79 -10.85
C PHE A 18 10.64 2.27 -10.47
N TYR A 19 11.54 3.04 -11.07
CA TYR A 19 11.62 4.47 -10.80
C TYR A 19 10.28 5.16 -11.03
N ASN A 20 9.44 4.55 -11.86
CA ASN A 20 8.12 5.10 -12.15
C ASN A 20 7.24 4.07 -12.85
N THR A 21 6.05 4.50 -13.26
CA THR A 21 5.10 3.61 -13.93
C THR A 21 4.69 2.46 -13.02
N LYS A 22 4.65 2.73 -11.71
CA LYS A 22 4.27 1.73 -10.73
C LYS A 22 4.08 2.36 -9.36
N PRO A 23 3.10 1.86 -8.57
CA PRO A 23 2.81 2.38 -7.24
C PRO A 23 3.91 2.04 -6.24
N TYR A 24 4.33 3.04 -5.48
CA TYR A 24 5.39 2.85 -4.47
C TYR A 24 4.88 3.21 -3.08
N LYS A 25 4.15 4.32 -2.99
CA LYS A 25 3.60 4.76 -1.72
C LYS A 25 2.15 4.34 -1.56
N HIS A 26 1.83 3.16 -2.06
CA HIS A 26 0.47 2.63 -1.99
C HIS A 26 0.43 1.32 -1.21
N ARG A 27 1.08 0.31 -1.75
CA ARG A 27 1.12 -1.00 -1.09
C ARG A 27 -0.27 -1.58 -0.95
N ASP A 28 -0.69 -2.38 -1.92
CA ASP A 28 -2.01 -3.00 -1.89
C ASP A 28 -2.03 -4.21 -0.97
N ASP A 29 -0.91 -4.92 -0.91
CA ASP A 29 -0.80 -6.11 -0.06
C ASP A 29 -1.07 -5.76 1.40
N ARG A 30 -0.35 -4.77 1.91
CA ARG A 30 -0.52 -4.33 3.30
C ARG A 30 -1.95 -3.85 3.54
N LEU A 31 -2.55 -3.27 2.51
CA LEU A 31 -3.93 -2.78 2.61
C LEU A 31 -4.89 -3.91 2.91
N LEU A 32 -4.66 -5.06 2.28
CA LEU A 32 -5.50 -6.23 2.48
C LEU A 32 -5.51 -6.64 3.95
N GLN A 33 -4.37 -6.49 4.60
CA GLN A 33 -4.24 -6.84 6.01
C GLN A 33 -5.19 -6.00 6.86
N ALA A 34 -5.22 -4.70 6.59
CA ALA A 34 -6.08 -3.79 7.33
C ALA A 34 -7.55 -4.02 6.97
N LEU A 35 -7.83 -4.09 5.68
CA LEU A 35 -9.19 -4.31 5.20
C LEU A 35 -9.73 -5.64 5.72
N MET A 36 -8.92 -6.69 5.59
CA MET A 36 -9.30 -8.02 6.05
C MET A 36 -9.34 -8.08 7.57
N ASP A 37 -8.49 -7.27 8.21
CA ASP A 37 -8.43 -7.24 9.67
C ASP A 37 -9.77 -6.79 10.26
N ILE A 38 -10.40 -5.82 9.60
CA ILE A 38 -11.68 -5.30 10.07
C ILE A 38 -12.74 -6.40 10.08
N LEU A 39 -12.83 -7.15 8.99
CA LEU A 39 -13.79 -8.23 8.86
C LEU A 39 -13.55 -9.30 9.93
N ASN A 40 -12.28 -9.57 10.20
CA ASN A 40 -11.91 -10.57 11.20
C ASN A 40 -12.42 -10.19 12.58
N GLU A 41 -12.61 -8.89 12.80
CA GLU A 41 -13.10 -8.39 14.07
C GLU A 41 -14.45 -9.02 14.44
N GLU A 42 -15.24 -9.32 13.42
CA GLU A 42 -16.55 -9.93 13.62
C GLU A 42 -17.23 -10.23 12.29
N ASN A 43 -16.88 -11.38 11.71
CA ASN A 43 -17.46 -11.79 10.43
C ASN A 43 -17.09 -10.80 9.32
N SER A 1 9.73 1.40 -17.03
CA SER A 1 10.40 1.02 -18.29
C SER A 1 11.38 2.11 -18.75
N LYS A 2 10.99 3.37 -18.57
CA LYS A 2 11.83 4.49 -18.96
C LYS A 2 12.48 5.13 -17.73
N LEU A 3 12.76 4.32 -16.72
CA LEU A 3 13.39 4.82 -15.50
C LEU A 3 14.26 3.74 -14.87
N GLU A 4 14.85 4.07 -13.72
CA GLU A 4 15.72 3.14 -13.01
C GLU A 4 15.30 3.01 -11.55
N GLY A 5 15.57 1.85 -10.96
CA GLY A 5 15.22 1.62 -9.57
C GLY A 5 16.33 0.93 -8.81
N SER A 6 17.45 1.61 -8.63
CA SER A 6 18.58 1.06 -7.90
C SER A 6 18.59 1.52 -6.45
N GLU A 7 19.56 1.06 -5.68
CA GLU A 7 19.69 1.43 -4.28
C GLU A 7 21.12 1.80 -3.93
N ASP A 8 21.34 2.23 -2.69
CA ASP A 8 22.67 2.61 -2.24
C ASP A 8 23.32 1.47 -1.45
N SER A 9 23.00 0.24 -1.83
CA SER A 9 23.56 -0.93 -1.16
C SER A 9 23.73 -2.08 -2.14
N LEU A 10 24.55 -3.06 -1.78
CA LEU A 10 24.81 -4.21 -2.63
C LEU A 10 24.25 -5.48 -2.00
N TYR A 11 24.60 -5.71 -0.73
CA TYR A 11 24.14 -6.89 -0.02
C TYR A 11 22.72 -6.69 0.51
N SER A 12 22.31 -5.44 0.65
CA SER A 12 20.98 -5.11 1.13
C SER A 12 19.90 -5.76 0.27
N ASP A 13 20.25 -6.03 -0.99
CA ASP A 13 19.30 -6.65 -1.93
C ASP A 13 18.93 -8.05 -1.45
N TYR A 14 19.94 -8.90 -1.28
CA TYR A 14 19.71 -10.27 -0.83
C TYR A 14 19.23 -10.30 0.61
N VAL A 15 19.67 -9.32 1.39
CA VAL A 15 19.28 -9.22 2.81
C VAL A 15 17.87 -8.67 2.94
N ASP A 16 17.49 -7.79 2.02
CA ASP A 16 16.15 -7.18 2.05
C ASP A 16 15.08 -8.24 1.86
N VAL A 17 15.43 -9.34 1.20
CA VAL A 17 14.49 -10.42 0.96
C VAL A 17 14.17 -11.17 2.25
N PHE A 18 15.14 -11.21 3.16
CA PHE A 18 14.97 -11.90 4.43
C PHE A 18 14.46 -10.93 5.50
N TYR A 19 14.86 -9.67 5.39
CA TYR A 19 14.44 -8.65 6.34
C TYR A 19 13.78 -7.47 5.63
N ASN A 20 12.89 -7.77 4.70
CA ASN A 20 12.19 -6.73 3.95
C ASN A 20 11.39 -5.82 4.88
N THR A 21 11.79 -4.56 4.95
CA THR A 21 11.11 -3.59 5.81
C THR A 21 9.97 -2.90 5.05
N LYS A 22 8.75 -3.37 5.29
CA LYS A 22 7.58 -2.81 4.64
C LYS A 22 7.64 -3.01 3.13
N PRO A 23 6.48 -3.24 2.48
CA PRO A 23 6.42 -3.45 1.03
C PRO A 23 6.68 -2.16 0.24
N TYR A 24 7.78 -2.15 -0.50
CA TYR A 24 8.15 -0.99 -1.30
C TYR A 24 7.76 -1.19 -2.76
N LYS A 25 6.69 -1.93 -2.98
CA LYS A 25 6.21 -2.20 -4.34
C LYS A 25 4.92 -3.01 -4.31
N HIS A 26 4.06 -2.72 -3.34
CA HIS A 26 2.79 -3.42 -3.20
C HIS A 26 1.96 -2.84 -2.06
N ARG A 27 1.26 -1.75 -2.34
CA ARG A 27 0.43 -1.10 -1.33
C ARG A 27 -0.80 -1.93 -1.01
N ASP A 28 -1.37 -2.55 -2.04
CA ASP A 28 -2.56 -3.39 -1.87
C ASP A 28 -2.29 -4.54 -0.91
N ASP A 29 -1.04 -5.00 -0.89
CA ASP A 29 -0.65 -6.10 -0.01
C ASP A 29 -0.88 -5.74 1.45
N ARG A 30 -0.33 -4.61 1.87
CA ARG A 30 -0.48 -4.16 3.26
C ARG A 30 -1.92 -3.73 3.52
N LEU A 31 -2.55 -3.12 2.53
CA LEU A 31 -3.93 -2.67 2.66
C LEU A 31 -4.86 -3.84 2.96
N LEU A 32 -4.60 -4.96 2.30
CA LEU A 32 -5.41 -6.16 2.49
C LEU A 32 -5.39 -6.59 3.95
N GLN A 33 -4.24 -6.42 4.59
CA GLN A 33 -4.09 -6.79 5.99
C GLN A 33 -5.04 -5.98 6.87
N ALA A 34 -5.07 -4.67 6.65
CA ALA A 34 -5.93 -3.78 7.41
C ALA A 34 -7.39 -4.01 7.06
N LEU A 35 -7.69 -4.04 5.76
CA LEU A 35 -9.06 -4.25 5.30
C LEU A 35 -9.59 -5.60 5.78
N MET A 36 -8.75 -6.62 5.65
CA MET A 36 -9.13 -7.97 6.06
C MET A 36 -9.24 -8.06 7.58
N ASP A 37 -8.45 -7.24 8.27
CA ASP A 37 -8.46 -7.23 9.74
C ASP A 37 -9.84 -6.84 10.26
N ILE A 38 -10.46 -5.85 9.62
CA ILE A 38 -11.77 -5.39 10.03
C ILE A 38 -12.82 -6.49 9.88
N LEU A 39 -12.70 -7.27 8.82
CA LEU A 39 -13.63 -8.37 8.56
C LEU A 39 -13.58 -9.39 9.69
N ASN A 40 -12.38 -9.62 10.22
CA ASN A 40 -12.20 -10.57 11.30
C ASN A 40 -12.87 -10.08 12.57
N GLU A 41 -12.51 -8.88 13.01
CA GLU A 41 -13.08 -8.29 14.22
C GLU A 41 -12.85 -9.21 15.43
N GLU A 42 -11.75 -9.95 15.41
CA GLU A 42 -11.42 -10.87 16.50
C GLU A 42 -10.04 -11.47 16.31
N ASN A 43 -9.10 -10.64 15.84
CA ASN A 43 -7.73 -11.09 15.61
C ASN A 43 -6.73 -10.12 16.21
N SER A 1 20.22 -5.80 10.88
CA SER A 1 19.68 -6.59 9.75
C SER A 1 20.63 -6.58 8.56
N LYS A 2 21.41 -7.64 8.42
CA LYS A 2 22.36 -7.75 7.32
C LYS A 2 22.96 -9.15 7.26
N LEU A 3 23.06 -9.70 6.06
CA LEU A 3 23.62 -11.03 5.87
C LEU A 3 25.15 -11.00 5.97
N GLU A 4 25.76 -12.15 5.79
CA GLU A 4 27.22 -12.26 5.87
C GLU A 4 27.86 -11.81 4.56
N GLY A 5 27.16 -12.03 3.46
CA GLY A 5 27.70 -11.63 2.16
C GLY A 5 27.96 -10.14 2.06
N SER A 6 29.23 -9.77 2.14
CA SER A 6 29.63 -8.37 2.06
C SER A 6 30.31 -8.07 0.74
N GLU A 7 31.13 -9.01 0.27
CA GLU A 7 31.85 -8.85 -0.98
C GLU A 7 32.79 -7.66 -0.92
N ASP A 8 33.83 -7.69 -1.74
CA ASP A 8 34.82 -6.61 -1.78
C ASP A 8 34.19 -5.32 -2.31
N SER A 9 34.99 -4.27 -2.39
CA SER A 9 34.52 -2.98 -2.88
C SER A 9 33.39 -2.44 -1.99
N LEU A 10 33.67 -1.35 -1.30
CA LEU A 10 32.68 -0.73 -0.42
C LEU A 10 31.99 0.44 -1.11
N TYR A 11 31.91 0.38 -2.44
CA TYR A 11 31.28 1.44 -3.21
C TYR A 11 29.99 0.95 -3.87
N SER A 12 29.88 -0.37 -4.02
CA SER A 12 28.70 -0.97 -4.64
C SER A 12 27.43 -0.58 -3.87
N ASP A 13 27.59 -0.27 -2.59
CA ASP A 13 26.45 0.12 -1.75
C ASP A 13 25.80 1.40 -2.28
N TYR A 14 26.61 2.46 -2.40
CA TYR A 14 26.12 3.73 -2.89
C TYR A 14 25.76 3.64 -4.37
N VAL A 15 26.47 2.79 -5.09
CA VAL A 15 26.23 2.61 -6.52
C VAL A 15 24.99 1.75 -6.77
N ASP A 16 24.74 0.81 -5.87
CA ASP A 16 23.58 -0.06 -5.99
C ASP A 16 22.28 0.71 -5.77
N VAL A 17 22.37 1.79 -4.99
CA VAL A 17 21.20 2.62 -4.70
C VAL A 17 20.60 3.19 -5.98
N PHE A 18 21.45 3.67 -6.87
CA PHE A 18 21.01 4.24 -8.13
C PHE A 18 20.92 3.18 -9.21
N TYR A 19 21.81 2.19 -9.12
CA TYR A 19 21.83 1.10 -10.10
C TYR A 19 21.03 -0.10 -9.61
N ASN A 20 19.84 0.17 -9.08
CA ASN A 20 18.97 -0.90 -8.57
C ASN A 20 17.62 -0.33 -8.13
N THR A 21 16.59 -0.61 -8.91
CA THR A 21 15.24 -0.13 -8.61
C THR A 21 14.19 -1.04 -9.24
N LYS A 22 13.70 -2.00 -8.45
CA LYS A 22 12.69 -2.93 -8.93
C LYS A 22 11.38 -2.74 -8.17
N PRO A 23 10.52 -1.83 -8.63
CA PRO A 23 9.22 -1.56 -7.98
C PRO A 23 8.41 -2.83 -7.78
N TYR A 24 8.34 -3.67 -8.81
CA TYR A 24 7.60 -4.92 -8.74
C TYR A 24 6.11 -4.66 -8.55
N LYS A 25 5.71 -4.34 -7.32
CA LYS A 25 4.32 -4.07 -7.01
C LYS A 25 4.19 -3.09 -5.85
N HIS A 26 3.18 -2.24 -5.90
CA HIS A 26 2.96 -1.24 -4.85
C HIS A 26 2.67 -1.92 -3.52
N ARG A 27 2.35 -1.12 -2.51
CA ARG A 27 2.05 -1.64 -1.18
C ARG A 27 0.55 -1.87 -1.00
N ASP A 28 -0.07 -2.52 -1.99
CA ASP A 28 -1.50 -2.79 -1.95
C ASP A 28 -1.78 -4.02 -1.08
N ASP A 29 -0.83 -4.95 -1.04
CA ASP A 29 -0.99 -6.17 -0.26
C ASP A 29 -1.19 -5.84 1.21
N ARG A 30 -0.44 -4.85 1.71
CA ARG A 30 -0.54 -4.45 3.10
C ARG A 30 -1.94 -3.93 3.42
N LEU A 31 -2.56 -3.29 2.43
CA LEU A 31 -3.91 -2.75 2.62
C LEU A 31 -4.90 -3.87 2.92
N LEU A 32 -4.72 -5.00 2.24
CA LEU A 32 -5.60 -6.15 2.45
C LEU A 32 -5.58 -6.60 3.90
N GLN A 33 -4.40 -6.50 4.52
CA GLN A 33 -4.23 -6.89 5.91
C GLN A 33 -5.12 -6.04 6.82
N ALA A 34 -5.09 -4.72 6.60
CA ALA A 34 -5.89 -3.80 7.39
C ALA A 34 -7.36 -3.94 7.07
N LEU A 35 -7.69 -3.95 5.78
CA LEU A 35 -9.07 -4.08 5.34
C LEU A 35 -9.66 -5.41 5.82
N MET A 36 -8.88 -6.48 5.67
CA MET A 36 -9.32 -7.80 6.08
C MET A 36 -9.43 -7.89 7.60
N ASP A 37 -8.64 -7.08 8.30
CA ASP A 37 -8.66 -7.07 9.76
C ASP A 37 -10.05 -6.72 10.29
N ILE A 38 -10.76 -5.86 9.56
CA ILE A 38 -12.10 -5.46 9.96
C ILE A 38 -13.05 -6.66 10.01
N LEU A 39 -12.99 -7.50 8.98
CA LEU A 39 -13.83 -8.69 8.91
C LEU A 39 -13.54 -9.63 10.07
N ASN A 40 -12.27 -9.75 10.42
CA ASN A 40 -11.85 -10.62 11.52
C ASN A 40 -12.25 -10.02 12.85
N GLU A 41 -11.96 -8.73 13.04
CA GLU A 41 -12.28 -8.04 14.28
C GLU A 41 -11.57 -8.69 15.47
N GLU A 42 -10.40 -8.16 15.80
CA GLU A 42 -9.61 -8.68 16.91
C GLU A 42 -9.23 -10.14 16.66
N ASN A 43 -8.23 -10.36 15.81
CA ASN A 43 -7.77 -11.71 15.49
C ASN A 43 -8.90 -12.54 14.90
N SER A 1 -5.83 28.38 -32.83
CA SER A 1 -4.47 28.65 -32.26
C SER A 1 -3.65 27.37 -32.20
N LYS A 2 -2.74 27.20 -33.16
CA LYS A 2 -1.89 26.01 -33.21
C LYS A 2 -0.68 26.19 -32.30
N LEU A 3 0.00 27.32 -32.44
CA LEU A 3 1.18 27.61 -31.63
C LEU A 3 0.87 28.66 -30.56
N GLU A 4 0.48 28.18 -29.38
CA GLU A 4 0.15 29.07 -28.27
C GLU A 4 1.42 29.63 -27.63
N GLY A 5 2.35 28.75 -27.28
CA GLY A 5 3.58 29.19 -26.67
C GLY A 5 4.08 28.22 -25.61
N SER A 6 4.37 28.74 -24.43
CA SER A 6 4.85 27.91 -23.32
C SER A 6 3.75 27.68 -22.30
N GLU A 7 3.15 28.77 -21.83
CA GLU A 7 2.08 28.69 -20.84
C GLU A 7 2.58 28.04 -19.56
N ASP A 8 1.67 27.87 -18.60
CA ASP A 8 2.03 27.26 -17.32
C ASP A 8 0.94 26.29 -16.86
N SER A 9 1.36 25.24 -16.16
CA SER A 9 0.42 24.23 -15.66
C SER A 9 -0.29 24.73 -14.41
N LEU A 10 -1.13 23.87 -13.84
CA LEU A 10 -1.88 24.21 -12.63
C LEU A 10 -1.02 24.00 -11.38
N TYR A 11 -0.54 22.78 -11.22
CA TYR A 11 0.29 22.45 -10.07
C TYR A 11 1.36 21.41 -10.43
N SER A 12 1.81 21.46 -11.69
CA SER A 12 2.82 20.52 -12.17
C SER A 12 4.07 20.59 -11.31
N ASP A 13 4.29 21.73 -10.65
CA ASP A 13 5.46 21.91 -9.79
C ASP A 13 5.40 20.96 -8.60
N TYR A 14 4.33 21.04 -7.83
CA TYR A 14 4.15 20.20 -6.67
C TYR A 14 3.92 18.75 -7.08
N VAL A 15 3.31 18.56 -8.24
CA VAL A 15 3.03 17.22 -8.76
C VAL A 15 4.28 16.61 -9.37
N ASP A 16 5.15 17.44 -9.93
CA ASP A 16 6.39 16.98 -10.55
C ASP A 16 7.25 16.24 -9.53
N VAL A 17 7.09 16.59 -8.26
CA VAL A 17 7.86 15.96 -7.19
C VAL A 17 7.34 14.55 -6.90
N PHE A 18 6.05 14.34 -7.10
CA PHE A 18 5.43 13.05 -6.86
C PHE A 18 5.55 12.15 -8.09
N TYR A 19 5.54 12.77 -9.26
CA TYR A 19 5.65 12.02 -10.51
C TYR A 19 7.10 11.92 -10.96
N ASN A 20 7.98 11.53 -10.05
CA ASN A 20 9.39 11.39 -10.35
C ASN A 20 10.15 10.83 -9.15
N THR A 21 9.81 11.33 -7.96
CA THR A 21 10.46 10.87 -6.73
C THR A 21 9.52 10.01 -5.90
N LYS A 22 9.45 8.73 -6.24
CA LYS A 22 8.59 7.80 -5.53
C LYS A 22 9.03 6.35 -5.76
N PRO A 23 8.83 5.47 -4.76
CA PRO A 23 9.22 4.06 -4.86
C PRO A 23 8.32 3.28 -5.83
N TYR A 24 8.45 1.96 -5.81
CA TYR A 24 7.66 1.10 -6.67
C TYR A 24 7.39 -0.24 -6.02
N LYS A 25 7.29 -0.24 -4.69
CA LYS A 25 7.05 -1.47 -3.94
C LYS A 25 5.55 -1.79 -3.90
N HIS A 26 4.72 -0.76 -3.94
CA HIS A 26 3.28 -0.92 -3.91
C HIS A 26 2.83 -1.57 -2.60
N ARG A 27 2.10 -0.82 -1.79
CA ARG A 27 1.61 -1.32 -0.51
C ARG A 27 0.17 -1.81 -0.63
N ASP A 28 -0.14 -2.43 -1.76
CA ASP A 28 -1.49 -2.93 -2.00
C ASP A 28 -1.79 -4.14 -1.10
N ASP A 29 -0.78 -4.99 -0.92
CA ASP A 29 -0.93 -6.18 -0.09
C ASP A 29 -1.19 -5.79 1.37
N ARG A 30 -0.48 -4.77 1.83
CA ARG A 30 -0.64 -4.30 3.20
C ARG A 30 -2.07 -3.86 3.48
N LEU A 31 -2.69 -3.25 2.47
CA LEU A 31 -4.07 -2.78 2.61
C LEU A 31 -5.01 -3.94 2.95
N LEU A 32 -4.79 -5.08 2.28
CA LEU A 32 -5.61 -6.25 2.53
C LEU A 32 -5.57 -6.65 3.99
N GLN A 33 -4.41 -6.43 4.62
CA GLN A 33 -4.25 -6.75 6.03
C GLN A 33 -5.24 -5.98 6.88
N ALA A 34 -5.33 -4.68 6.63
CA ALA A 34 -6.25 -3.82 7.37
C ALA A 34 -7.70 -4.12 7.00
N LEU A 35 -7.97 -4.19 5.70
CA LEU A 35 -9.32 -4.47 5.22
C LEU A 35 -9.83 -5.79 5.79
N MET A 36 -9.01 -6.84 5.69
CA MET A 36 -9.39 -8.14 6.20
C MET A 36 -9.42 -8.14 7.72
N ASP A 37 -8.49 -7.41 8.33
CA ASP A 37 -8.42 -7.31 9.78
C ASP A 37 -9.73 -6.81 10.36
N ILE A 38 -10.31 -5.80 9.73
CA ILE A 38 -11.57 -5.23 10.18
C ILE A 38 -12.68 -6.27 10.16
N LEU A 39 -12.83 -6.95 9.02
CA LEU A 39 -13.86 -7.98 8.88
C LEU A 39 -13.59 -9.15 9.80
N ASN A 40 -12.30 -9.49 9.97
CA ASN A 40 -11.91 -10.59 10.82
C ASN A 40 -11.50 -10.09 12.21
N GLU A 41 -12.14 -9.02 12.66
CA GLU A 41 -11.85 -8.44 13.96
C GLU A 41 -12.08 -9.46 15.07
N GLU A 42 -13.02 -10.37 14.85
CA GLU A 42 -13.33 -11.40 15.83
C GLU A 42 -14.39 -12.36 15.31
N ASN A 43 -13.97 -13.29 14.46
CA ASN A 43 -14.89 -14.27 13.88
C ASN A 43 -15.97 -13.57 13.07
N SER A 1 2.12 36.28 14.56
CA SER A 1 3.01 37.19 13.82
C SER A 1 2.41 37.60 12.48
N LYS A 2 1.82 38.78 12.44
CA LYS A 2 1.21 39.29 11.21
C LYS A 2 2.24 39.47 10.12
N LEU A 3 2.16 38.65 9.08
CA LEU A 3 3.09 38.72 7.96
C LEU A 3 2.65 39.76 6.95
N GLU A 4 3.59 40.21 6.11
CA GLU A 4 3.30 41.21 5.10
C GLU A 4 4.27 41.10 3.93
N GLY A 5 3.91 41.71 2.80
CA GLY A 5 4.76 41.67 1.63
C GLY A 5 4.26 40.68 0.59
N SER A 6 4.58 39.41 0.78
CA SER A 6 4.17 38.37 -0.16
C SER A 6 4.06 37.02 0.55
N GLU A 7 2.88 36.42 0.50
CA GLU A 7 2.65 35.12 1.12
C GLU A 7 1.93 34.17 0.18
N ASP A 8 2.18 34.33 -1.12
CA ASP A 8 1.55 33.48 -2.13
C ASP A 8 2.56 32.49 -2.71
N SER A 9 3.84 32.80 -2.58
CA SER A 9 4.89 31.93 -3.10
C SER A 9 6.27 32.48 -2.74
N LEU A 10 6.39 33.05 -1.54
CA LEU A 10 7.65 33.61 -1.09
C LEU A 10 8.41 32.62 -0.22
N TYR A 11 7.71 32.01 0.73
CA TYR A 11 8.32 31.04 1.63
C TYR A 11 8.02 29.61 1.17
N SER A 12 7.86 29.43 -0.14
CA SER A 12 7.59 28.12 -0.71
C SER A 12 8.66 27.11 -0.32
N ASP A 13 9.87 27.61 -0.06
CA ASP A 13 10.98 26.75 0.32
C ASP A 13 10.69 26.05 1.64
N TYR A 14 10.41 26.83 2.67
CA TYR A 14 10.10 26.28 3.98
C TYR A 14 8.77 25.54 3.97
N VAL A 15 7.85 26.01 3.12
CA VAL A 15 6.54 25.38 3.01
C VAL A 15 6.60 24.08 2.21
N ASP A 16 7.50 24.04 1.23
CA ASP A 16 7.66 22.85 0.39
C ASP A 16 8.19 21.69 1.22
N VAL A 17 8.93 22.00 2.28
CA VAL A 17 9.49 20.97 3.15
C VAL A 17 8.40 20.16 3.83
N PHE A 18 7.26 20.80 4.07
CA PHE A 18 6.14 20.14 4.72
C PHE A 18 5.25 19.45 3.69
N TYR A 19 5.18 20.02 2.49
CA TYR A 19 4.37 19.46 1.42
C TYR A 19 5.23 18.63 0.46
N ASN A 20 6.30 18.04 0.99
CA ASN A 20 7.20 17.22 0.18
C ASN A 20 6.46 16.03 -0.41
N THR A 21 7.21 15.16 -1.08
CA THR A 21 6.64 13.97 -1.70
C THR A 21 7.01 12.72 -0.91
N LYS A 22 6.18 12.36 0.06
CA LYS A 22 6.42 11.18 0.89
C LYS A 22 6.52 9.92 0.03
N PRO A 23 7.73 9.34 -0.09
CA PRO A 23 7.94 8.13 -0.89
C PRO A 23 6.99 7.00 -0.49
N TYR A 24 6.54 7.02 0.76
CA TYR A 24 5.63 6.00 1.26
C TYR A 24 4.33 5.98 0.45
N LYS A 25 4.25 5.05 -0.49
CA LYS A 25 3.06 4.93 -1.34
C LYS A 25 2.06 3.97 -0.72
N HIS A 26 0.96 3.73 -1.44
CA HIS A 26 -0.09 2.83 -0.96
C HIS A 26 0.06 1.45 -1.57
N ARG A 27 0.25 0.45 -0.73
CA ARG A 27 0.41 -0.93 -1.18
C ARG A 27 -0.90 -1.70 -1.03
N ASP A 28 -1.19 -2.57 -2.00
CA ASP A 28 -2.41 -3.38 -1.97
C ASP A 28 -2.29 -4.51 -0.96
N ASP A 29 -1.13 -5.17 -0.95
CA ASP A 29 -0.90 -6.27 -0.03
C ASP A 29 -1.07 -5.83 1.42
N ARG A 30 -0.39 -4.75 1.78
CA ARG A 30 -0.48 -4.21 3.13
C ARG A 30 -1.90 -3.76 3.45
N LEU A 31 -2.55 -3.16 2.46
CA LEU A 31 -3.92 -2.69 2.63
C LEU A 31 -4.85 -3.84 2.98
N LEU A 32 -4.57 -5.01 2.39
CA LEU A 32 -5.38 -6.20 2.64
C LEU A 32 -5.35 -6.56 4.11
N GLN A 33 -4.21 -6.30 4.76
CA GLN A 33 -4.05 -6.60 6.17
C GLN A 33 -5.05 -5.82 7.00
N ALA A 34 -5.18 -4.53 6.72
CA ALA A 34 -6.10 -3.67 7.43
C ALA A 34 -7.55 -4.00 7.08
N LEU A 35 -7.82 -4.11 5.78
CA LEU A 35 -9.17 -4.44 5.31
C LEU A 35 -9.63 -5.78 5.87
N MET A 36 -8.75 -6.78 5.77
CA MET A 36 -9.07 -8.11 6.27
C MET A 36 -9.18 -8.11 7.80
N ASP A 37 -8.44 -7.21 8.44
CA ASP A 37 -8.46 -7.11 9.90
C ASP A 37 -9.86 -6.74 10.40
N ILE A 38 -10.47 -5.75 9.76
CA ILE A 38 -11.80 -5.31 10.14
C ILE A 38 -12.83 -6.42 9.94
N LEU A 39 -12.79 -7.06 8.78
CA LEU A 39 -13.71 -8.14 8.47
C LEU A 39 -13.53 -9.31 9.45
N ASN A 40 -12.28 -9.59 9.77
CA ASN A 40 -11.97 -10.67 10.70
C ASN A 40 -12.36 -10.31 12.13
N GLU A 41 -12.07 -9.06 12.51
CA GLU A 41 -12.40 -8.58 13.85
C GLU A 41 -11.68 -9.41 14.91
N GLU A 42 -10.48 -8.97 15.29
CA GLU A 42 -9.70 -9.67 16.30
C GLU A 42 -8.41 -8.92 16.61
N ASN A 43 -8.51 -7.59 16.67
CA ASN A 43 -7.36 -6.74 16.96
C ASN A 43 -7.58 -5.91 18.21
N SER A 1 5.35 41.46 9.82
CA SER A 1 4.22 41.40 10.79
C SER A 1 3.17 40.39 10.34
N LYS A 2 3.62 39.27 9.80
CA LYS A 2 2.70 38.23 9.32
C LYS A 2 3.37 36.86 9.37
N LEU A 3 3.41 36.26 10.56
CA LEU A 3 4.02 34.96 10.74
C LEU A 3 3.39 34.22 11.93
N GLU A 4 2.50 33.28 11.62
CA GLU A 4 1.83 32.50 12.65
C GLU A 4 1.67 31.04 12.23
N GLY A 5 2.02 30.14 13.14
CA GLY A 5 1.91 28.72 12.84
C GLY A 5 1.79 27.86 14.09
N SER A 6 0.71 27.09 14.15
CA SER A 6 0.47 26.22 15.31
C SER A 6 -0.09 24.87 14.86
N GLU A 7 0.29 23.82 15.57
CA GLU A 7 -0.18 22.48 15.25
C GLU A 7 -1.23 22.02 16.25
N ASP A 8 -2.48 21.94 15.80
CA ASP A 8 -3.58 21.52 16.67
C ASP A 8 -4.78 21.06 15.83
N SER A 9 -5.23 19.83 16.08
CA SER A 9 -6.35 19.27 15.36
C SER A 9 -7.65 19.99 15.73
N LEU A 10 -7.91 21.10 15.05
CA LEU A 10 -9.12 21.88 15.32
C LEU A 10 -10.33 21.24 14.66
N TYR A 11 -10.30 21.12 13.34
CA TYR A 11 -11.39 20.53 12.60
C TYR A 11 -10.91 19.94 11.28
N SER A 12 -10.49 18.67 11.31
CA SER A 12 -9.99 18.00 10.11
C SER A 12 -11.03 18.04 8.99
N ASP A 13 -12.30 18.15 9.36
CA ASP A 13 -13.38 18.20 8.38
C ASP A 13 -13.23 19.43 7.48
N TYR A 14 -13.21 20.60 8.11
CA TYR A 14 -13.07 21.86 7.37
C TYR A 14 -11.68 21.96 6.74
N VAL A 15 -10.68 21.38 7.41
CA VAL A 15 -9.32 21.41 6.91
C VAL A 15 -9.11 20.43 5.76
N ASP A 16 -9.84 19.32 5.80
CA ASP A 16 -9.75 18.30 4.76
C ASP A 16 -10.33 18.81 3.45
N VAL A 17 -11.27 19.74 3.55
CA VAL A 17 -11.91 20.32 2.36
C VAL A 17 -10.89 20.98 1.45
N PHE A 18 -9.82 21.49 2.04
CA PHE A 18 -8.76 22.14 1.27
C PHE A 18 -7.71 21.13 0.82
N TYR A 19 -7.48 20.11 1.64
CA TYR A 19 -6.51 19.08 1.32
C TYR A 19 -7.20 17.75 1.06
N ASN A 20 -8.35 17.81 0.39
CA ASN A 20 -9.11 16.60 0.07
C ASN A 20 -8.29 15.64 -0.78
N THR A 21 -8.46 14.35 -0.54
CA THR A 21 -7.73 13.33 -1.29
C THR A 21 -6.23 13.49 -1.11
N LYS A 22 -5.62 12.54 -0.39
CA LYS A 22 -4.19 12.58 -0.13
C LYS A 22 -3.54 11.24 -0.49
N PRO A 23 -3.14 11.06 -1.75
CA PRO A 23 -2.51 9.83 -2.22
C PRO A 23 -1.32 9.42 -1.35
N TYR A 24 -1.22 8.13 -1.07
CA TYR A 24 -0.13 7.62 -0.24
C TYR A 24 -0.07 6.09 -0.30
N LYS A 25 -1.23 5.46 -0.23
CA LYS A 25 -1.32 4.00 -0.28
C LYS A 25 -0.75 3.47 -1.59
N HIS A 26 0.20 2.55 -1.49
CA HIS A 26 0.82 1.97 -2.68
C HIS A 26 0.82 0.44 -2.59
N ARG A 27 1.24 -0.08 -1.43
CA ARG A 27 1.30 -1.52 -1.22
C ARG A 27 -0.10 -2.09 -0.99
N ASP A 28 -0.70 -2.60 -2.05
CA ASP A 28 -2.04 -3.17 -1.98
C ASP A 28 -2.06 -4.35 -1.00
N ASP A 29 -0.95 -5.06 -0.91
CA ASP A 29 -0.84 -6.21 -0.01
C ASP A 29 -1.08 -5.79 1.44
N ARG A 30 -0.38 -4.75 1.87
CA ARG A 30 -0.51 -4.26 3.24
C ARG A 30 -1.95 -3.82 3.51
N LEU A 31 -2.56 -3.16 2.54
CA LEU A 31 -3.93 -2.69 2.67
C LEU A 31 -4.88 -3.85 2.97
N LEU A 32 -4.62 -4.98 2.33
CA LEU A 32 -5.45 -6.17 2.53
C LEU A 32 -5.43 -6.59 4.00
N GLN A 33 -4.31 -6.35 4.66
CA GLN A 33 -4.16 -6.69 6.07
C GLN A 33 -5.17 -5.92 6.91
N ALA A 34 -5.25 -4.60 6.68
CA ALA A 34 -6.17 -3.76 7.43
C ALA A 34 -7.61 -4.03 7.02
N LEU A 35 -7.86 -4.06 5.72
CA LEU A 35 -9.20 -4.31 5.20
C LEU A 35 -9.74 -5.64 5.72
N MET A 36 -8.93 -6.69 5.60
CA MET A 36 -9.32 -8.01 6.07
C MET A 36 -9.39 -8.05 7.59
N ASP A 37 -8.47 -7.33 8.23
CA ASP A 37 -8.42 -7.28 9.69
C ASP A 37 -9.76 -6.82 10.27
N ILE A 38 -10.38 -5.84 9.61
CA ILE A 38 -11.67 -5.32 10.05
C ILE A 38 -12.72 -6.41 10.08
N LEU A 39 -12.85 -7.12 8.96
CA LEU A 39 -13.83 -8.20 8.86
C LEU A 39 -13.56 -9.30 9.87
N ASN A 40 -12.28 -9.61 10.06
CA ASN A 40 -11.87 -10.64 11.01
C ASN A 40 -12.29 -10.28 12.42
N GLU A 41 -12.26 -8.99 12.74
CA GLU A 41 -12.65 -8.51 14.07
C GLU A 41 -14.09 -8.87 14.37
N GLU A 42 -14.99 -8.57 13.42
CA GLU A 42 -16.40 -8.87 13.59
C GLU A 42 -16.73 -10.28 13.14
N ASN A 43 -15.99 -11.25 13.67
CA ASN A 43 -16.21 -12.65 13.33
C ASN A 43 -15.99 -12.88 11.83
N SER A 1 -5.66 -5.16 -32.10
CA SER A 1 -6.25 -4.03 -32.87
C SER A 1 -6.13 -2.72 -32.10
N LYS A 2 -6.68 -2.69 -30.89
CA LYS A 2 -6.64 -1.49 -30.05
C LYS A 2 -5.63 -1.67 -28.93
N LEU A 3 -4.52 -0.94 -29.01
CA LEU A 3 -3.48 -1.01 -27.99
C LEU A 3 -3.48 0.24 -27.12
N GLU A 4 -4.26 0.21 -26.05
CA GLU A 4 -4.35 1.35 -25.13
C GLU A 4 -3.63 1.05 -23.82
N GLY A 5 -3.77 -0.18 -23.34
CA GLY A 5 -3.13 -0.57 -22.09
C GLY A 5 -2.88 -2.06 -22.01
N SER A 6 -3.88 -2.81 -21.57
CA SER A 6 -3.76 -4.26 -21.45
C SER A 6 -2.68 -4.63 -20.44
N GLU A 7 -1.43 -4.59 -20.87
CA GLU A 7 -0.30 -4.92 -20.00
C GLU A 7 -0.13 -3.88 -18.90
N ASP A 8 -0.78 -4.12 -17.76
CA ASP A 8 -0.70 -3.19 -16.63
C ASP A 8 -0.26 -3.93 -15.36
N SER A 9 0.92 -4.54 -15.42
CA SER A 9 1.46 -5.28 -14.28
C SER A 9 0.52 -6.40 -13.87
N LEU A 10 0.94 -7.64 -14.12
CA LEU A 10 0.14 -8.80 -13.77
C LEU A 10 0.16 -9.05 -12.27
N TYR A 11 1.29 -9.55 -11.78
CA TYR A 11 1.44 -9.83 -10.35
C TYR A 11 2.58 -9.03 -9.75
N SER A 12 2.82 -7.83 -10.31
CA SER A 12 3.89 -6.96 -9.83
C SER A 12 3.72 -6.65 -8.35
N ASP A 13 2.47 -6.72 -7.87
CA ASP A 13 2.18 -6.45 -6.46
C ASP A 13 2.91 -7.42 -5.55
N TYR A 14 2.67 -8.71 -5.77
CA TYR A 14 3.30 -9.76 -4.97
C TYR A 14 4.80 -9.83 -5.27
N VAL A 15 5.17 -9.50 -6.50
CA VAL A 15 6.57 -9.54 -6.92
C VAL A 15 7.33 -8.33 -6.38
N ASP A 16 6.63 -7.20 -6.25
CA ASP A 16 7.24 -5.98 -5.74
C ASP A 16 7.61 -6.12 -4.27
N VAL A 17 6.89 -6.99 -3.56
CA VAL A 17 7.14 -7.23 -2.15
C VAL A 17 8.56 -7.72 -1.92
N PHE A 18 9.10 -8.44 -2.91
CA PHE A 18 10.46 -8.98 -2.81
C PHE A 18 11.48 -7.91 -3.17
N TYR A 19 11.11 -7.01 -4.06
CA TYR A 19 12.00 -5.94 -4.51
C TYR A 19 12.33 -5.00 -3.34
N ASN A 20 11.32 -4.29 -2.85
CA ASN A 20 11.50 -3.37 -1.74
C ASN A 20 12.51 -2.27 -2.11
N THR A 21 12.93 -1.51 -1.10
CA THR A 21 13.89 -0.43 -1.32
C THR A 21 13.33 0.62 -2.28
N LYS A 22 13.13 1.83 -1.77
CA LYS A 22 12.59 2.91 -2.57
C LYS A 22 11.21 2.57 -3.10
N PRO A 23 10.17 2.62 -2.24
CA PRO A 23 8.79 2.31 -2.63
C PRO A 23 8.20 3.38 -3.53
N TYR A 24 6.89 3.32 -3.74
CA TYR A 24 6.19 4.29 -4.58
C TYR A 24 4.90 4.76 -3.91
N LYS A 25 4.89 4.76 -2.57
CA LYS A 25 3.71 5.19 -1.82
C LYS A 25 2.50 4.34 -2.18
N HIS A 26 2.73 3.08 -2.53
CA HIS A 26 1.66 2.17 -2.90
C HIS A 26 1.94 0.76 -2.39
N ARG A 27 0.98 0.19 -1.68
CA ARG A 27 1.12 -1.15 -1.14
C ARG A 27 -0.25 -1.81 -0.94
N ASP A 28 -0.80 -2.34 -2.02
CA ASP A 28 -2.10 -3.00 -1.97
C ASP A 28 -2.07 -4.18 -1.02
N ASP A 29 -0.91 -4.83 -0.91
CA ASP A 29 -0.75 -5.97 -0.03
C ASP A 29 -1.06 -5.59 1.42
N ARG A 30 -0.46 -4.50 1.88
CA ARG A 30 -0.66 -4.03 3.24
C ARG A 30 -2.13 -3.70 3.49
N LEU A 31 -2.81 -3.23 2.45
CA LEU A 31 -4.22 -2.87 2.56
C LEU A 31 -5.06 -4.09 2.93
N LEU A 32 -4.74 -5.22 2.30
CA LEU A 32 -5.46 -6.46 2.58
C LEU A 32 -5.39 -6.82 4.06
N GLN A 33 -4.25 -6.52 4.68
CA GLN A 33 -4.06 -6.80 6.10
C GLN A 33 -5.08 -6.02 6.93
N ALA A 34 -5.22 -4.73 6.64
CA ALA A 34 -6.15 -3.88 7.36
C ALA A 34 -7.59 -4.23 7.01
N LEU A 35 -7.86 -4.35 5.71
CA LEU A 35 -9.20 -4.68 5.24
C LEU A 35 -9.66 -6.01 5.84
N MET A 36 -8.78 -7.01 5.78
CA MET A 36 -9.10 -8.33 6.31
C MET A 36 -9.21 -8.28 7.83
N ASP A 37 -8.34 -7.49 8.46
CA ASP A 37 -8.33 -7.35 9.91
C ASP A 37 -9.66 -6.80 10.41
N ILE A 38 -10.16 -5.76 9.75
CA ILE A 38 -11.42 -5.14 10.12
C ILE A 38 -12.57 -6.13 9.98
N LEU A 39 -12.65 -6.79 8.83
CA LEU A 39 -13.70 -7.76 8.58
C LEU A 39 -13.62 -8.93 9.57
N ASN A 40 -12.40 -9.35 9.89
CA ASN A 40 -12.20 -10.45 10.82
C ASN A 40 -12.79 -10.12 12.19
N GLU A 41 -12.69 -8.85 12.58
CA GLU A 41 -13.22 -8.41 13.87
C GLU A 41 -14.73 -8.65 13.95
N GLU A 42 -15.43 -8.36 12.87
CA GLU A 42 -16.88 -8.55 12.82
C GLU A 42 -17.57 -7.70 13.87
N ASN A 43 -17.91 -6.48 13.51
CA ASN A 43 -18.59 -5.56 14.42
C ASN A 43 -17.72 -5.29 15.65
N SER A 1 -7.45 -11.48 22.19
CA SER A 1 -6.31 -11.09 21.32
C SER A 1 -5.86 -12.26 20.45
N LYS A 2 -6.01 -12.11 19.14
CA LYS A 2 -5.62 -13.16 18.20
C LYS A 2 -4.96 -12.55 16.96
N LEU A 3 -4.26 -11.44 17.15
CA LEU A 3 -3.59 -10.76 16.05
C LEU A 3 -2.39 -9.95 16.56
N GLU A 4 -1.45 -9.69 15.66
CA GLU A 4 -0.26 -8.92 16.01
C GLU A 4 -0.51 -7.42 15.88
N GLY A 5 -0.61 -6.75 17.02
CA GLY A 5 -0.85 -5.31 17.02
C GLY A 5 0.26 -4.54 16.32
N SER A 6 1.49 -5.01 16.50
CA SER A 6 2.65 -4.36 15.89
C SER A 6 2.77 -2.91 16.37
N GLU A 7 3.93 -2.31 16.12
CA GLU A 7 4.18 -0.93 16.53
C GLU A 7 3.60 0.05 15.51
N ASP A 8 2.33 0.40 15.70
CA ASP A 8 1.66 1.34 14.80
C ASP A 8 1.17 2.56 15.56
N SER A 9 1.91 2.95 16.60
CA SER A 9 1.56 4.11 17.39
C SER A 9 2.49 5.29 17.10
N LEU A 10 2.96 5.36 15.87
CA LEU A 10 3.85 6.43 15.45
C LEU A 10 3.08 7.56 14.77
N TYR A 11 1.94 7.92 15.33
CA TYR A 11 1.09 8.97 14.79
C TYR A 11 0.84 8.77 13.30
N SER A 12 0.89 7.51 12.86
CA SER A 12 0.67 7.18 11.46
C SER A 12 -0.70 7.68 10.99
N ASP A 13 -1.63 7.82 11.92
CA ASP A 13 -2.98 8.29 11.60
C ASP A 13 -2.93 9.70 11.02
N TYR A 14 -2.35 10.62 11.79
CA TYR A 14 -2.24 12.02 11.37
C TYR A 14 -1.28 12.15 10.20
N VAL A 15 -0.27 11.28 10.16
CA VAL A 15 0.72 11.29 9.10
C VAL A 15 0.18 10.68 7.81
N ASP A 16 -0.70 9.68 7.97
CA ASP A 16 -1.30 9.01 6.82
C ASP A 16 -2.37 9.87 6.16
N VAL A 17 -2.98 10.75 6.95
CA VAL A 17 -4.03 11.63 6.44
C VAL A 17 -3.45 12.87 5.77
N PHE A 18 -2.23 13.24 6.18
CA PHE A 18 -1.57 14.40 5.61
C PHE A 18 -0.52 14.00 4.59
N TYR A 19 0.09 12.84 4.79
CA TYR A 19 1.11 12.34 3.88
C TYR A 19 0.52 11.33 2.90
N ASN A 20 -0.75 11.51 2.56
CA ASN A 20 -1.43 10.62 1.64
C ASN A 20 -0.89 10.79 0.21
N THR A 21 0.37 10.41 0.01
CA THR A 21 1.01 10.52 -1.29
C THR A 21 2.35 9.80 -1.30
N LYS A 22 2.46 8.76 -2.12
CA LYS A 22 3.69 7.98 -2.22
C LYS A 22 3.76 7.25 -3.55
N PRO A 23 4.32 7.90 -4.59
CA PRO A 23 4.44 7.29 -5.93
C PRO A 23 5.44 6.13 -5.94
N TYR A 24 5.17 5.15 -6.78
CA TYR A 24 6.04 3.98 -6.90
C TYR A 24 6.13 3.24 -5.57
N LYS A 25 5.03 2.61 -5.17
CA LYS A 25 4.98 1.87 -3.91
C LYS A 25 3.77 0.95 -3.88
N HIS A 26 2.62 1.45 -4.31
CA HIS A 26 1.39 0.66 -4.33
C HIS A 26 0.95 0.31 -2.91
N ARG A 27 1.62 -0.65 -2.31
CA ARG A 27 1.28 -1.08 -0.95
C ARG A 27 -0.14 -1.61 -0.89
N ASP A 28 -0.52 -2.38 -1.90
CA ASP A 28 -1.87 -2.96 -1.96
C ASP A 28 -1.96 -4.18 -1.05
N ASP A 29 -0.89 -4.95 -0.99
CA ASP A 29 -0.86 -6.15 -0.16
C ASP A 29 -1.09 -5.81 1.30
N ARG A 30 -0.35 -4.83 1.81
CA ARG A 30 -0.48 -4.40 3.20
C ARG A 30 -1.89 -3.88 3.48
N LEU A 31 -2.51 -3.30 2.46
CA LEU A 31 -3.86 -2.77 2.60
C LEU A 31 -4.85 -3.90 2.92
N LEU A 32 -4.67 -5.03 2.25
CA LEU A 32 -5.54 -6.18 2.47
C LEU A 32 -5.52 -6.60 3.93
N GLN A 33 -4.36 -6.48 4.56
CA GLN A 33 -4.20 -6.84 5.97
C GLN A 33 -5.12 -5.99 6.84
N ALA A 34 -5.12 -4.69 6.60
CA ALA A 34 -5.95 -3.77 7.36
C ALA A 34 -7.43 -3.96 7.03
N LEU A 35 -7.74 -4.00 5.73
CA LEU A 35 -9.11 -4.18 5.27
C LEU A 35 -9.68 -5.51 5.79
N MET A 36 -8.89 -6.57 5.64
CA MET A 36 -9.30 -7.89 6.10
C MET A 36 -9.39 -7.94 7.62
N ASP A 37 -8.57 -7.14 8.29
CA ASP A 37 -8.56 -7.10 9.74
C ASP A 37 -9.93 -6.71 10.29
N ILE A 38 -10.63 -5.85 9.57
CA ILE A 38 -11.95 -5.39 9.98
C ILE A 38 -12.94 -6.55 10.03
N LEU A 39 -12.96 -7.36 8.97
CA LEU A 39 -13.86 -8.50 8.89
C LEU A 39 -13.55 -9.50 10.00
N ASN A 40 -12.27 -9.69 10.29
CA ASN A 40 -11.85 -10.62 11.33
C ASN A 40 -12.39 -10.20 12.69
N GLU A 41 -12.05 -8.97 13.09
CA GLU A 41 -12.51 -8.44 14.37
C GLU A 41 -14.02 -8.36 14.43
N GLU A 42 -14.64 -8.14 13.28
CA GLU A 42 -16.10 -8.05 13.20
C GLU A 42 -16.62 -6.90 14.06
N ASN A 43 -16.57 -5.69 13.51
CA ASN A 43 -17.04 -4.51 14.23
C ASN A 43 -18.54 -4.59 14.49
N SER A 1 18.44 4.49 25.23
CA SER A 1 18.13 5.94 25.16
C SER A 1 18.93 6.64 24.07
N LYS A 2 18.22 7.29 23.15
CA LYS A 2 18.87 7.99 22.05
C LYS A 2 18.77 9.51 22.24
N LEU A 3 18.87 9.94 23.50
CA LEU A 3 18.80 11.36 23.81
C LEU A 3 17.46 11.95 23.38
N GLU A 4 16.38 11.25 23.71
CA GLU A 4 15.04 11.71 23.36
C GLU A 4 14.87 11.80 21.84
N GLY A 5 13.64 11.77 21.38
CA GLY A 5 13.37 11.85 19.96
C GLY A 5 13.03 13.26 19.51
N SER A 6 11.93 13.80 20.01
CA SER A 6 11.51 15.14 19.65
C SER A 6 11.24 15.25 18.15
N GLU A 7 10.53 16.30 17.75
CA GLU A 7 10.21 16.51 16.35
C GLU A 7 10.25 18.00 16.00
N ASP A 8 11.37 18.46 15.45
CA ASP A 8 11.52 19.86 15.08
C ASP A 8 11.54 20.02 13.57
N SER A 9 11.41 21.26 13.11
CA SER A 9 11.41 21.55 11.68
C SER A 9 12.84 21.73 11.16
N LEU A 10 13.42 20.65 10.64
CA LEU A 10 14.77 20.69 10.11
C LEU A 10 14.93 19.74 8.93
N TYR A 11 14.47 20.18 7.77
CA TYR A 11 14.55 19.37 6.56
C TYR A 11 14.05 17.94 6.80
N SER A 12 12.85 17.84 7.35
CA SER A 12 12.24 16.55 7.64
C SER A 12 12.13 15.69 6.38
N ASP A 13 12.12 16.35 5.23
CA ASP A 13 12.01 15.65 3.95
C ASP A 13 13.16 14.66 3.78
N TYR A 14 14.39 15.17 3.85
CA TYR A 14 15.57 14.33 3.72
C TYR A 14 15.72 13.40 4.91
N VAL A 15 15.26 13.86 6.07
CA VAL A 15 15.35 13.07 7.30
C VAL A 15 14.31 11.95 7.30
N ASP A 16 13.18 12.18 6.64
CA ASP A 16 12.13 11.19 6.56
C ASP A 16 12.64 9.89 5.94
N VAL A 17 13.65 10.01 5.09
CA VAL A 17 14.24 8.85 4.43
C VAL A 17 14.83 7.88 5.44
N PHE A 18 15.45 8.43 6.49
CA PHE A 18 16.07 7.60 7.52
C PHE A 18 15.06 7.28 8.63
N TYR A 19 14.14 8.20 8.86
CA TYR A 19 13.11 8.01 9.88
C TYR A 19 12.20 6.84 9.53
N ASN A 20 12.00 6.62 8.24
CA ASN A 20 11.15 5.53 7.78
C ASN A 20 11.17 5.44 6.25
N THR A 21 11.74 4.36 5.74
CA THR A 21 11.82 4.16 4.30
C THR A 21 10.43 4.07 3.68
N LYS A 22 10.35 4.27 2.37
CA LYS A 22 9.09 4.21 1.66
C LYS A 22 8.88 2.83 1.02
N PRO A 23 7.62 2.48 0.72
CA PRO A 23 7.29 1.17 0.11
C PRO A 23 8.12 0.91 -1.14
N TYR A 24 7.92 -0.28 -1.72
CA TYR A 24 8.65 -0.65 -2.93
C TYR A 24 7.84 -1.65 -3.77
N LYS A 25 7.63 -2.84 -3.21
CA LYS A 25 6.88 -3.88 -3.91
C LYS A 25 5.57 -4.18 -3.16
N HIS A 26 5.63 -4.14 -1.84
CA HIS A 26 4.45 -4.41 -1.02
C HIS A 26 3.68 -3.11 -0.74
N ARG A 27 2.56 -2.94 -1.44
CA ARG A 27 1.74 -1.75 -1.26
C ARG A 27 0.27 -2.13 -1.06
N ASP A 28 -0.33 -2.68 -2.12
CA ASP A 28 -1.73 -3.08 -2.06
C ASP A 28 -1.93 -4.25 -1.10
N ASP A 29 -0.91 -5.09 -0.98
CA ASP A 29 -0.96 -6.24 -0.10
C ASP A 29 -1.18 -5.81 1.35
N ARG A 30 -0.49 -4.75 1.76
CA ARG A 30 -0.61 -4.24 3.12
C ARG A 30 -2.04 -3.81 3.41
N LEU A 31 -2.69 -3.21 2.41
CA LEU A 31 -4.06 -2.75 2.56
C LEU A 31 -4.99 -3.92 2.93
N LEU A 32 -4.73 -5.07 2.32
CA LEU A 32 -5.53 -6.27 2.58
C LEU A 32 -5.47 -6.63 4.06
N GLN A 33 -4.32 -6.38 4.69
CA GLN A 33 -4.15 -6.68 6.10
C GLN A 33 -5.11 -5.86 6.95
N ALA A 34 -5.19 -4.56 6.67
CA ALA A 34 -6.08 -3.67 7.41
C ALA A 34 -7.54 -3.96 7.08
N LEU A 35 -7.85 -4.07 5.78
CA LEU A 35 -9.20 -4.34 5.34
C LEU A 35 -9.68 -5.68 5.88
N MET A 36 -8.83 -6.69 5.79
CA MET A 36 -9.17 -8.02 6.27
C MET A 36 -9.25 -8.05 7.79
N ASP A 37 -8.47 -7.18 8.44
CA ASP A 37 -8.48 -7.10 9.89
C ASP A 37 -9.85 -6.74 10.43
N ILE A 38 -10.49 -5.76 9.79
CA ILE A 38 -11.82 -5.33 10.19
C ILE A 38 -12.83 -6.46 10.08
N LEU A 39 -12.85 -7.11 8.92
CA LEU A 39 -13.77 -8.21 8.68
C LEU A 39 -13.52 -9.36 9.65
N ASN A 40 -12.24 -9.62 9.92
CA ASN A 40 -11.86 -10.69 10.84
C ASN A 40 -12.45 -10.45 12.23
N GLU A 41 -12.15 -9.30 12.81
CA GLU A 41 -12.64 -8.95 14.13
C GLU A 41 -14.17 -8.91 14.15
N GLU A 42 -14.76 -8.52 13.02
CA GLU A 42 -16.21 -8.44 12.90
C GLU A 42 -16.78 -7.46 13.92
N ASN A 43 -16.91 -6.20 13.51
CA ASN A 43 -17.44 -5.17 14.39
C ASN A 43 -16.58 -5.00 15.64
N SER A 1 -11.89 -16.80 -23.02
CA SER A 1 -11.14 -16.11 -21.94
C SER A 1 -11.98 -15.01 -21.29
N LYS A 2 -12.46 -14.09 -22.12
CA LYS A 2 -13.28 -12.98 -21.63
C LYS A 2 -12.51 -12.14 -20.63
N LEU A 3 -11.87 -11.07 -21.11
CA LEU A 3 -11.10 -10.19 -20.25
C LEU A 3 -11.87 -8.91 -19.96
N GLU A 4 -12.35 -8.79 -18.72
CA GLU A 4 -13.11 -7.62 -18.31
C GLU A 4 -13.00 -7.41 -16.80
N GLY A 5 -12.43 -6.27 -16.40
CA GLY A 5 -12.28 -5.97 -14.99
C GLY A 5 -11.48 -4.71 -14.75
N SER A 6 -11.22 -4.41 -13.49
CA SER A 6 -10.46 -3.22 -13.13
C SER A 6 -11.15 -1.95 -13.62
N GLU A 7 -12.48 -1.99 -13.65
CA GLU A 7 -13.27 -0.85 -14.10
C GLU A 7 -14.60 -0.77 -13.35
N ASP A 8 -14.55 -0.25 -12.12
CA ASP A 8 -15.75 -0.12 -11.31
C ASP A 8 -16.09 1.34 -11.07
N SER A 9 -17.38 1.63 -10.92
CA SER A 9 -17.84 2.99 -10.68
C SER A 9 -19.13 3.00 -9.87
N LEU A 10 -19.26 2.05 -8.96
CA LEU A 10 -20.43 1.94 -8.11
C LEU A 10 -20.48 3.07 -7.08
N TYR A 11 -19.43 3.15 -6.27
CA TYR A 11 -19.35 4.19 -5.24
C TYR A 11 -17.99 4.88 -5.28
N SER A 12 -17.77 5.67 -6.31
CA SER A 12 -16.50 6.40 -6.48
C SER A 12 -16.22 7.27 -5.26
N ASP A 13 -17.27 7.66 -4.55
CA ASP A 13 -17.12 8.50 -3.37
C ASP A 13 -16.37 7.75 -2.27
N TYR A 14 -16.90 6.60 -1.88
CA TYR A 14 -16.27 5.79 -0.84
C TYR A 14 -14.95 5.20 -1.33
N VAL A 15 -14.88 4.94 -2.63
CA VAL A 15 -13.67 4.38 -3.24
C VAL A 15 -12.60 5.46 -3.43
N ASP A 16 -13.05 6.69 -3.67
CA ASP A 16 -12.13 7.80 -3.87
C ASP A 16 -11.24 8.00 -2.64
N VAL A 17 -11.73 7.59 -1.49
CA VAL A 17 -10.98 7.72 -0.24
C VAL A 17 -9.81 6.75 -0.20
N PHE A 18 -9.95 5.63 -0.90
CA PHE A 18 -8.91 4.62 -0.94
C PHE A 18 -7.79 5.02 -1.90
N TYR A 19 -8.15 5.82 -2.91
CA TYR A 19 -7.18 6.28 -3.90
C TYR A 19 -6.04 7.03 -3.23
N ASN A 20 -6.35 7.73 -2.15
CA ASN A 20 -5.35 8.50 -1.42
C ASN A 20 -4.70 9.55 -2.32
N THR A 21 -3.63 10.17 -1.82
CA THR A 21 -2.93 11.20 -2.58
C THR A 21 -1.96 10.57 -3.58
N LYS A 22 -1.11 9.68 -3.08
CA LYS A 22 -0.13 9.01 -3.94
C LYS A 22 0.03 7.55 -3.53
N PRO A 23 0.48 6.69 -4.47
CA PRO A 23 0.68 5.27 -4.20
C PRO A 23 1.86 5.01 -3.26
N TYR A 24 2.80 5.94 -3.23
CA TYR A 24 3.98 5.82 -2.38
C TYR A 24 4.85 4.64 -2.81
N LYS A 25 4.43 3.44 -2.45
CA LYS A 25 5.17 2.23 -2.80
C LYS A 25 4.24 1.05 -3.00
N HIS A 26 3.02 1.33 -3.45
CA HIS A 26 2.03 0.29 -3.68
C HIS A 26 1.71 -0.45 -2.39
N ARG A 27 0.69 0.03 -1.68
CA ARG A 27 0.28 -0.59 -0.42
C ARG A 27 -0.92 -1.50 -0.62
N ASP A 28 -0.96 -2.18 -1.76
CA ASP A 28 -2.05 -3.09 -2.08
C ASP A 28 -2.06 -4.29 -1.14
N ASP A 29 -0.88 -4.87 -0.94
CA ASP A 29 -0.75 -6.03 -0.05
C ASP A 29 -1.05 -5.66 1.39
N ARG A 30 -0.42 -4.58 1.87
CA ARG A 30 -0.62 -4.12 3.23
C ARG A 30 -2.09 -3.75 3.47
N LEU A 31 -2.74 -3.25 2.42
CA LEU A 31 -4.15 -2.87 2.53
C LEU A 31 -5.01 -4.07 2.90
N LEU A 32 -4.73 -5.21 2.26
CA LEU A 32 -5.48 -6.43 2.53
C LEU A 32 -5.42 -6.80 4.01
N GLN A 33 -4.27 -6.53 4.63
CA GLN A 33 -4.08 -6.81 6.05
C GLN A 33 -5.05 -5.99 6.89
N ALA A 34 -5.12 -4.70 6.61
CA ALA A 34 -6.02 -3.81 7.34
C ALA A 34 -7.47 -4.09 7.02
N LEU A 35 -7.78 -4.20 5.74
CA LEU A 35 -9.15 -4.49 5.30
C LEU A 35 -9.63 -5.82 5.85
N MET A 36 -8.78 -6.84 5.76
CA MET A 36 -9.11 -8.17 6.26
C MET A 36 -9.19 -8.16 7.78
N ASP A 37 -8.41 -7.30 8.42
CA ASP A 37 -8.40 -7.21 9.87
C ASP A 37 -9.77 -6.79 10.40
N ILE A 38 -10.33 -5.74 9.80
CA ILE A 38 -11.63 -5.24 10.21
C ILE A 38 -12.72 -6.29 10.01
N LEU A 39 -12.66 -6.97 8.87
CA LEU A 39 -13.63 -8.01 8.55
C LEU A 39 -13.58 -9.15 9.57
N ASN A 40 -12.37 -9.46 10.04
CA ASN A 40 -12.18 -10.51 11.02
C ASN A 40 -12.94 -10.22 12.31
N GLU A 41 -12.70 -9.04 12.88
CA GLU A 41 -13.37 -8.64 14.11
C GLU A 41 -14.88 -8.56 13.91
N GLU A 42 -15.30 -7.73 12.97
CA GLU A 42 -16.72 -7.56 12.68
C GLU A 42 -17.48 -7.07 13.91
N ASN A 43 -17.43 -5.76 14.16
CA ASN A 43 -18.11 -5.18 15.30
C ASN A 43 -19.15 -4.17 14.85
N SER A 1 37.16 20.82 12.36
CA SER A 1 37.01 22.15 13.00
C SER A 1 35.54 22.52 13.15
N LYS A 2 35.29 23.75 13.59
CA LYS A 2 33.93 24.24 13.78
C LYS A 2 33.32 24.69 12.46
N LEU A 3 32.46 23.85 11.89
CA LEU A 3 31.80 24.16 10.62
C LEU A 3 30.42 23.52 10.55
N GLU A 4 29.75 23.70 9.42
CA GLU A 4 28.42 23.14 9.22
C GLU A 4 28.44 21.63 9.34
N GLY A 5 29.13 20.98 8.40
CA GLY A 5 29.23 19.52 8.41
C GLY A 5 28.20 18.88 7.51
N SER A 6 27.06 19.54 7.32
CA SER A 6 25.99 19.01 6.47
C SER A 6 26.49 18.80 5.05
N GLU A 7 26.72 17.55 4.68
CA GLU A 7 27.18 17.22 3.35
C GLU A 7 26.35 16.10 2.73
N ASP A 8 25.80 16.35 1.54
CA ASP A 8 24.97 15.37 0.86
C ASP A 8 23.74 15.01 1.69
N SER A 9 22.68 15.81 1.53
CA SER A 9 21.45 15.58 2.27
C SER A 9 21.68 15.66 3.77
N LEU A 10 20.61 15.92 4.51
CA LEU A 10 20.70 16.03 5.97
C LEU A 10 19.59 15.23 6.64
N TYR A 11 18.35 15.66 6.44
CA TYR A 11 17.20 14.99 7.03
C TYR A 11 16.18 14.61 5.95
N SER A 12 16.65 14.41 4.73
CA SER A 12 15.78 14.04 3.62
C SER A 12 15.04 12.74 3.91
N ASP A 13 15.60 11.92 4.79
CA ASP A 13 14.99 10.64 5.15
C ASP A 13 13.63 10.86 5.80
N TYR A 14 13.62 11.63 6.88
CA TYR A 14 12.39 11.92 7.61
C TYR A 14 11.47 12.81 6.77
N VAL A 15 12.08 13.66 5.94
CA VAL A 15 11.32 14.57 5.09
C VAL A 15 10.73 13.83 3.89
N ASP A 16 11.45 12.82 3.40
CA ASP A 16 10.99 12.04 2.26
C ASP A 16 9.78 11.20 2.63
N VAL A 17 9.67 10.85 3.91
CA VAL A 17 8.56 10.04 4.39
C VAL A 17 7.22 10.73 4.13
N PHE A 18 7.25 12.06 4.14
CA PHE A 18 6.04 12.85 3.91
C PHE A 18 5.83 13.10 2.41
N TYR A 19 6.93 13.20 1.68
CA TYR A 19 6.88 13.43 0.24
C TYR A 19 7.37 12.21 -0.52
N ASN A 20 7.07 11.03 0.00
CA ASN A 20 7.47 9.78 -0.64
C ASN A 20 6.89 9.66 -2.04
N THR A 21 7.38 8.69 -2.80
CA THR A 21 6.91 8.47 -4.16
C THR A 21 6.85 6.99 -4.49
N LYS A 22 6.13 6.65 -5.55
CA LYS A 22 6.01 5.26 -5.97
C LYS A 22 5.99 5.15 -7.50
N PRO A 23 7.18 5.17 -8.13
CA PRO A 23 7.30 5.07 -9.58
C PRO A 23 6.54 3.88 -10.15
N TYR A 24 6.93 2.68 -9.74
CA TYR A 24 6.28 1.46 -10.20
C TYR A 24 6.12 0.46 -9.06
N LYS A 25 5.86 0.97 -7.86
CA LYS A 25 5.68 0.13 -6.69
C LYS A 25 4.41 0.52 -5.93
N HIS A 26 4.03 -0.30 -4.96
CA HIS A 26 2.84 -0.04 -4.15
C HIS A 26 2.82 -0.92 -2.92
N ARG A 27 1.77 -0.78 -2.11
CA ARG A 27 1.62 -1.56 -0.90
C ARG A 27 0.20 -2.09 -0.75
N ASP A 28 -0.39 -2.50 -1.87
CA ASP A 28 -1.75 -3.02 -1.87
C ASP A 28 -1.86 -4.25 -0.97
N ASP A 29 -0.80 -5.04 -0.92
CA ASP A 29 -0.78 -6.23 -0.09
C ASP A 29 -1.01 -5.89 1.38
N ARG A 30 -0.45 -4.76 1.80
CA ARG A 30 -0.60 -4.32 3.19
C ARG A 30 -2.02 -3.84 3.45
N LEU A 31 -2.64 -3.24 2.45
CA LEU A 31 -4.00 -2.73 2.59
C LEU A 31 -4.96 -3.87 2.90
N LEU A 32 -4.76 -5.01 2.24
CA LEU A 32 -5.61 -6.18 2.44
C LEU A 32 -5.58 -6.60 3.91
N GLN A 33 -4.43 -6.47 4.54
CA GLN A 33 -4.27 -6.84 5.95
C GLN A 33 -5.18 -5.98 6.82
N ALA A 34 -5.17 -4.68 6.58
CA ALA A 34 -5.99 -3.75 7.35
C ALA A 34 -7.47 -3.93 7.02
N LEU A 35 -7.78 -3.97 5.74
CA LEU A 35 -9.17 -4.14 5.29
C LEU A 35 -9.73 -5.48 5.77
N MET A 36 -8.93 -6.52 5.63
CA MET A 36 -9.33 -7.86 6.05
C MET A 36 -9.38 -7.96 7.58
N ASP A 37 -8.53 -7.18 8.24
CA ASP A 37 -8.47 -7.17 9.70
C ASP A 37 -9.81 -6.77 10.29
N ILE A 38 -10.50 -5.86 9.62
CA ILE A 38 -11.80 -5.38 10.08
C ILE A 38 -12.82 -6.52 10.10
N LEU A 39 -12.88 -7.28 9.02
CA LEU A 39 -13.82 -8.40 8.91
C LEU A 39 -13.53 -9.44 9.97
N ASN A 40 -12.25 -9.69 10.22
CA ASN A 40 -11.83 -10.67 11.23
C ASN A 40 -12.36 -10.29 12.61
N GLU A 41 -12.00 -9.09 13.06
CA GLU A 41 -12.43 -8.61 14.37
C GLU A 41 -13.95 -8.50 14.43
N GLU A 42 -14.57 -8.17 13.30
CA GLU A 42 -16.01 -8.03 13.23
C GLU A 42 -16.51 -6.96 14.20
N ASN A 43 -15.87 -5.80 14.15
CA ASN A 43 -16.25 -4.68 15.02
C ASN A 43 -17.53 -4.01 14.53
N SER A 1 -10.17 8.38 21.83
CA SER A 1 -10.50 7.03 22.37
C SER A 1 -9.57 6.63 23.50
N LYS A 2 -8.28 6.89 23.31
CA LYS A 2 -7.28 6.55 24.32
C LYS A 2 -6.95 7.77 25.18
N LEU A 3 -6.13 7.56 26.21
CA LEU A 3 -5.74 8.64 27.10
C LEU A 3 -4.74 9.57 26.43
N GLU A 4 -4.82 10.86 26.76
CA GLU A 4 -3.92 11.86 26.18
C GLU A 4 -4.21 12.06 24.70
N GLY A 5 -3.91 11.03 23.90
CA GLY A 5 -4.14 11.12 22.47
C GLY A 5 -2.90 11.56 21.72
N SER A 6 -2.95 11.46 20.38
CA SER A 6 -1.82 11.86 19.55
C SER A 6 -1.75 13.38 19.42
N GLU A 7 -2.91 14.01 19.22
CA GLU A 7 -2.98 15.45 19.08
C GLU A 7 -4.30 15.99 19.61
N ASP A 8 -4.81 15.36 20.66
CA ASP A 8 -6.08 15.78 21.25
C ASP A 8 -7.22 15.63 20.26
N SER A 9 -8.42 15.39 20.78
CA SER A 9 -9.61 15.23 19.93
C SER A 9 -10.07 16.59 19.40
N LEU A 10 -10.63 16.57 18.19
CA LEU A 10 -11.12 17.79 17.56
C LEU A 10 -11.99 17.48 16.35
N TYR A 11 -11.53 16.53 15.54
CA TYR A 11 -12.26 16.13 14.34
C TYR A 11 -11.90 14.71 13.92
N SER A 12 -11.82 13.81 14.91
CA SER A 12 -11.48 12.42 14.64
C SER A 12 -12.41 11.81 13.60
N ASP A 13 -13.63 12.35 13.50
CA ASP A 13 -14.60 11.86 12.54
C ASP A 13 -14.08 12.01 11.11
N TYR A 14 -13.75 13.25 10.75
CA TYR A 14 -13.23 13.53 9.41
C TYR A 14 -11.84 12.92 9.23
N VAL A 15 -11.10 12.84 10.31
CA VAL A 15 -9.75 12.29 10.27
C VAL A 15 -9.78 10.77 10.18
N ASP A 16 -10.81 10.16 10.77
CA ASP A 16 -10.96 8.71 10.73
C ASP A 16 -11.03 8.19 9.30
N VAL A 17 -11.50 9.04 8.39
CA VAL A 17 -11.62 8.68 6.99
C VAL A 17 -10.26 8.32 6.40
N PHE A 18 -9.20 8.87 6.97
CA PHE A 18 -7.85 8.61 6.49
C PHE A 18 -7.37 7.23 6.94
N TYR A 19 -7.96 6.72 8.02
CA TYR A 19 -7.60 5.41 8.54
C TYR A 19 -7.72 4.33 7.47
N ASN A 20 -8.62 4.53 6.52
CA ASN A 20 -8.82 3.59 5.44
C ASN A 20 -9.85 4.11 4.44
N THR A 21 -9.42 4.29 3.20
CA THR A 21 -10.30 4.79 2.14
C THR A 21 -9.71 4.51 0.77
N LYS A 22 -8.64 5.23 0.42
CA LYS A 22 -7.99 5.06 -0.87
C LYS A 22 -7.50 3.62 -1.04
N PRO A 23 -8.15 2.86 -1.95
CA PRO A 23 -7.76 1.46 -2.20
C PRO A 23 -6.42 1.35 -2.94
N TYR A 24 -6.21 2.23 -3.91
CA TYR A 24 -4.97 2.23 -4.68
C TYR A 24 -3.86 2.95 -3.92
N LYS A 25 -3.02 2.17 -3.25
CA LYS A 25 -1.91 2.73 -2.48
C LYS A 25 -0.59 2.10 -2.89
N HIS A 26 0.50 2.59 -2.31
CA HIS A 26 1.83 2.06 -2.62
C HIS A 26 1.93 0.59 -2.28
N ARG A 27 1.29 0.19 -1.19
CA ARG A 27 1.31 -1.21 -0.76
C ARG A 27 -0.11 -1.80 -0.77
N ASP A 28 -0.48 -2.40 -1.90
CA ASP A 28 -1.79 -3.00 -2.04
C ASP A 28 -1.94 -4.22 -1.12
N ASP A 29 -0.84 -4.93 -0.93
CA ASP A 29 -0.84 -6.12 -0.08
C ASP A 29 -1.12 -5.74 1.37
N ARG A 30 -0.43 -4.71 1.85
CA ARG A 30 -0.60 -4.25 3.22
C ARG A 30 -2.04 -3.82 3.47
N LEU A 31 -2.67 -3.25 2.45
CA LEU A 31 -4.05 -2.79 2.58
C LEU A 31 -4.98 -3.95 2.90
N LEU A 32 -4.72 -5.10 2.28
CA LEU A 32 -5.54 -6.28 2.51
C LEU A 32 -5.52 -6.68 3.97
N GLN A 33 -4.36 -6.49 4.62
CA GLN A 33 -4.21 -6.82 6.02
C GLN A 33 -5.16 -5.98 6.88
N ALA A 34 -5.20 -4.68 6.61
CA ALA A 34 -6.06 -3.77 7.35
C ALA A 34 -7.52 -4.01 7.01
N LEU A 35 -7.83 -4.09 5.73
CA LEU A 35 -9.20 -4.33 5.27
C LEU A 35 -9.71 -5.66 5.78
N MET A 36 -8.87 -6.69 5.67
CA MET A 36 -9.23 -8.03 6.12
C MET A 36 -9.28 -8.09 7.64
N ASP A 37 -8.46 -7.27 8.29
CA ASP A 37 -8.41 -7.23 9.75
C ASP A 37 -9.77 -6.82 10.32
N ILE A 38 -10.39 -5.82 9.71
CA ILE A 38 -11.68 -5.33 10.16
C ILE A 38 -12.74 -6.43 10.08
N LEU A 39 -12.77 -7.14 8.95
CA LEU A 39 -13.73 -8.21 8.75
C LEU A 39 -13.54 -9.32 9.78
N ASN A 40 -12.30 -9.51 10.22
CA ASN A 40 -11.97 -10.53 11.21
C ASN A 40 -12.73 -10.29 12.50
N GLU A 41 -12.99 -9.02 12.81
CA GLU A 41 -13.71 -8.66 14.02
C GLU A 41 -15.22 -8.69 13.80
N GLU A 42 -15.72 -9.82 13.29
CA GLU A 42 -17.14 -9.98 13.03
C GLU A 42 -17.45 -11.38 12.52
N ASN A 43 -17.55 -12.34 13.44
CA ASN A 43 -17.83 -13.71 13.08
C ASN A 43 -19.15 -14.18 13.70
N SER A 1 -8.91 23.41 8.85
CA SER A 1 -10.24 23.07 9.45
C SER A 1 -11.30 22.91 8.38
N LYS A 2 -11.35 21.73 7.76
CA LYS A 2 -12.33 21.45 6.72
C LYS A 2 -13.42 20.52 7.23
N LEU A 3 -13.05 19.62 8.13
CA LEU A 3 -14.00 18.66 8.69
C LEU A 3 -14.30 19.01 10.15
N GLU A 4 -15.51 18.67 10.59
CA GLU A 4 -15.93 18.95 11.95
C GLU A 4 -15.96 17.67 12.77
N GLY A 5 -14.95 17.48 13.61
CA GLY A 5 -14.88 16.30 14.45
C GLY A 5 -13.51 16.11 15.08
N SER A 6 -12.91 14.95 14.84
CA SER A 6 -11.59 14.65 15.39
C SER A 6 -11.09 13.30 14.89
N GLU A 7 -10.08 13.33 14.02
CA GLU A 7 -9.51 12.11 13.47
C GLU A 7 -8.94 11.23 14.57
N ASP A 8 -8.30 10.13 14.18
CA ASP A 8 -7.71 9.20 15.14
C ASP A 8 -6.30 8.81 14.72
N SER A 9 -5.34 9.68 14.99
CA SER A 9 -3.94 9.42 14.63
C SER A 9 -3.12 9.09 15.86
N LEU A 10 -2.51 7.91 15.87
CA LEU A 10 -1.70 7.48 17.00
C LEU A 10 -0.23 7.84 16.78
N TYR A 11 0.39 7.20 15.80
CA TYR A 11 1.80 7.45 15.49
C TYR A 11 1.94 8.17 14.15
N SER A 12 0.94 8.03 13.30
CA SER A 12 0.95 8.66 11.98
C SER A 12 1.16 10.17 12.10
N ASP A 13 0.74 10.74 13.22
CA ASP A 13 0.89 12.17 13.45
C ASP A 13 2.37 12.56 13.46
N TYR A 14 3.13 11.92 14.33
CA TYR A 14 4.56 12.19 14.45
C TYR A 14 5.30 11.72 13.20
N VAL A 15 4.79 10.66 12.57
CA VAL A 15 5.40 10.11 11.38
C VAL A 15 5.09 10.97 10.15
N ASP A 16 3.91 11.60 10.17
CA ASP A 16 3.49 12.44 9.05
C ASP A 16 4.47 13.60 8.85
N VAL A 17 5.16 13.98 9.92
CA VAL A 17 6.12 15.07 9.85
C VAL A 17 7.44 14.60 9.24
N PHE A 18 7.76 13.32 9.45
CA PHE A 18 8.99 12.75 8.92
C PHE A 18 8.77 12.15 7.54
N TYR A 19 7.55 11.66 7.31
CA TYR A 19 7.22 11.06 6.02
C TYR A 19 5.82 11.49 5.57
N ASN A 20 5.72 12.71 5.07
CA ASN A 20 4.43 13.24 4.62
C ASN A 20 3.87 12.40 3.48
N THR A 21 4.76 11.82 2.68
CA THR A 21 4.35 10.99 1.55
C THR A 21 4.90 9.56 1.71
N LYS A 22 4.02 8.63 2.03
CA LYS A 22 4.40 7.23 2.20
C LYS A 22 3.17 6.32 2.23
N PRO A 23 2.49 6.18 1.08
CA PRO A 23 1.28 5.34 0.97
C PRO A 23 1.55 3.90 1.39
N TYR A 24 1.44 3.64 2.70
CA TYR A 24 1.68 2.30 3.23
C TYR A 24 3.06 1.79 2.85
N LYS A 25 3.99 2.71 2.66
CA LYS A 25 5.36 2.34 2.29
C LYS A 25 5.38 1.55 0.99
N HIS A 26 4.45 1.88 0.09
CA HIS A 26 4.36 1.20 -1.20
C HIS A 26 4.10 -0.29 -1.01
N ARG A 27 2.83 -0.65 -0.90
CA ARG A 27 2.44 -2.04 -0.72
C ARG A 27 0.93 -2.20 -0.74
N ASP A 28 0.40 -2.66 -1.87
CA ASP A 28 -1.04 -2.85 -2.02
C ASP A 28 -1.53 -4.00 -1.14
N ASP A 29 -0.70 -5.02 -1.00
CA ASP A 29 -1.06 -6.18 -0.19
C ASP A 29 -1.31 -5.78 1.26
N ARG A 30 -0.62 -4.74 1.70
CA ARG A 30 -0.76 -4.24 3.07
C ARG A 30 -2.20 -3.83 3.35
N LEU A 31 -2.87 -3.29 2.33
CA LEU A 31 -4.26 -2.86 2.46
C LEU A 31 -5.15 -4.02 2.86
N LEU A 32 -4.93 -5.17 2.23
CA LEU A 32 -5.72 -6.36 2.52
C LEU A 32 -5.62 -6.73 4.00
N GLN A 33 -4.46 -6.47 4.59
CA GLN A 33 -4.23 -6.76 6.00
C GLN A 33 -5.16 -5.93 6.88
N ALA A 34 -5.24 -4.63 6.58
CA ALA A 34 -6.08 -3.72 7.34
C ALA A 34 -7.56 -4.00 7.07
N LEU A 35 -7.90 -4.10 5.78
CA LEU A 35 -9.29 -4.37 5.38
C LEU A 35 -9.77 -5.70 5.95
N MET A 36 -8.92 -6.73 5.84
CA MET A 36 -9.26 -8.04 6.34
C MET A 36 -9.30 -8.05 7.87
N ASP A 37 -8.51 -7.17 8.48
CA ASP A 37 -8.45 -7.08 9.94
C ASP A 37 -9.80 -6.68 10.51
N ILE A 38 -10.47 -5.74 9.85
CA ILE A 38 -11.78 -5.27 10.29
C ILE A 38 -12.82 -6.38 10.22
N LEU A 39 -12.91 -7.03 9.07
CA LEU A 39 -13.86 -8.12 8.87
C LEU A 39 -13.48 -9.33 9.71
N ASN A 40 -12.18 -9.51 9.92
CA ASN A 40 -11.68 -10.64 10.70
C ASN A 40 -12.17 -10.56 12.13
N GLU A 41 -12.38 -9.34 12.62
CA GLU A 41 -12.86 -9.14 13.99
C GLU A 41 -13.47 -7.75 14.14
N GLU A 42 -14.76 -7.64 13.87
CA GLU A 42 -15.47 -6.38 13.98
C GLU A 42 -15.97 -6.15 15.40
N ASN A 43 -15.05 -6.24 16.36
CA ASN A 43 -15.40 -6.04 17.76
C ASN A 43 -14.57 -4.91 18.38
N SER A 1 -8.05 -8.89 -22.90
CA SER A 1 -8.55 -9.18 -21.53
C SER A 1 -8.38 -10.66 -21.19
N LYS A 2 -9.02 -11.51 -21.98
CA LYS A 2 -8.95 -12.96 -21.77
C LYS A 2 -8.91 -13.70 -23.10
N LEU A 3 -7.83 -14.45 -23.31
CA LEU A 3 -7.66 -15.21 -24.53
C LEU A 3 -7.89 -16.71 -24.29
N GLU A 4 -8.69 -17.32 -25.15
CA GLU A 4 -8.98 -18.75 -25.02
C GLU A 4 -8.07 -19.58 -25.91
N GLY A 5 -7.96 -19.18 -27.17
CA GLY A 5 -7.11 -19.90 -28.10
C GLY A 5 -5.66 -19.45 -28.04
N SER A 6 -4.74 -20.34 -28.38
CA SER A 6 -3.32 -20.03 -28.36
C SER A 6 -2.77 -19.87 -29.78
N GLU A 7 -2.12 -18.74 -30.03
CA GLU A 7 -1.55 -18.47 -31.35
C GLU A 7 -0.59 -17.29 -31.30
N ASP A 8 0.34 -17.24 -32.25
CA ASP A 8 1.32 -16.16 -32.30
C ASP A 8 2.16 -16.13 -31.04
N SER A 9 2.53 -17.32 -30.55
CA SER A 9 3.34 -17.42 -29.34
C SER A 9 2.63 -16.80 -28.14
N LEU A 10 1.81 -17.59 -27.47
CA LEU A 10 1.07 -17.12 -26.30
C LEU A 10 1.76 -17.54 -25.01
N TYR A 11 3.09 -17.64 -25.06
CA TYR A 11 3.87 -18.02 -23.90
C TYR A 11 4.60 -16.83 -23.30
N SER A 12 4.88 -15.83 -24.14
CA SER A 12 5.57 -14.63 -23.70
C SER A 12 4.79 -13.90 -22.62
N ASP A 13 3.49 -14.15 -22.56
CA ASP A 13 2.63 -13.52 -21.57
C ASP A 13 3.03 -13.95 -20.16
N TYR A 14 2.99 -15.25 -19.92
CA TYR A 14 3.34 -15.80 -18.62
C TYR A 14 4.84 -15.61 -18.34
N VAL A 15 5.63 -15.64 -19.40
CA VAL A 15 7.08 -15.48 -19.27
C VAL A 15 7.46 -14.02 -19.07
N ASP A 16 6.67 -13.12 -19.65
CA ASP A 16 6.92 -11.69 -19.53
C ASP A 16 6.89 -11.26 -18.07
N VAL A 17 6.14 -11.99 -17.25
CA VAL A 17 6.02 -11.68 -15.84
C VAL A 17 7.30 -12.06 -15.09
N PHE A 18 7.97 -13.10 -15.56
CA PHE A 18 9.20 -13.56 -14.93
C PHE A 18 10.42 -12.86 -15.53
N TYR A 19 10.32 -12.48 -16.79
CA TYR A 19 11.41 -11.80 -17.47
C TYR A 19 11.25 -10.28 -17.38
N ASN A 20 10.94 -9.79 -16.19
CA ASN A 20 10.76 -8.36 -15.97
C ASN A 20 10.51 -8.07 -14.50
N THR A 21 11.57 -7.72 -13.77
CA THR A 21 11.47 -7.41 -12.35
C THR A 21 10.71 -6.10 -12.14
N LYS A 22 10.52 -5.73 -10.88
CA LYS A 22 9.82 -4.50 -10.54
C LYS A 22 10.14 -4.06 -9.10
N PRO A 23 11.31 -3.43 -8.90
CA PRO A 23 11.73 -2.97 -7.58
C PRO A 23 10.90 -1.80 -7.08
N TYR A 24 9.60 -2.03 -6.88
CA TYR A 24 8.69 -1.01 -6.41
C TYR A 24 7.94 -1.46 -5.17
N LYS A 25 7.39 -2.67 -5.23
CA LYS A 25 6.64 -3.24 -4.12
C LYS A 25 5.44 -2.37 -3.78
N HIS A 26 4.33 -2.59 -4.49
CA HIS A 26 3.11 -1.82 -4.26
C HIS A 26 2.61 -2.01 -2.83
N ARG A 27 1.82 -1.05 -2.36
CA ARG A 27 1.27 -1.12 -1.01
C ARG A 27 -0.16 -1.65 -1.01
N ASP A 28 -0.46 -2.50 -1.99
CA ASP A 28 -1.79 -3.08 -2.11
C ASP A 28 -1.97 -4.26 -1.16
N ASP A 29 -0.89 -5.00 -0.95
CA ASP A 29 -0.92 -6.15 -0.05
C ASP A 29 -1.17 -5.72 1.39
N ARG A 30 -0.52 -4.64 1.80
CA ARG A 30 -0.67 -4.12 3.16
C ARG A 30 -2.13 -3.73 3.42
N LEU A 31 -2.81 -3.25 2.39
CA LEU A 31 -4.20 -2.85 2.52
C LEU A 31 -5.07 -4.04 2.91
N LEU A 32 -4.78 -5.20 2.34
CA LEU A 32 -5.53 -6.41 2.63
C LEU A 32 -5.47 -6.73 4.12
N GLN A 33 -4.31 -6.45 4.74
CA GLN A 33 -4.13 -6.70 6.16
C GLN A 33 -5.12 -5.88 6.98
N ALA A 34 -5.25 -4.60 6.65
CA ALA A 34 -6.16 -3.72 7.35
C ALA A 34 -7.61 -4.07 7.03
N LEU A 35 -7.91 -4.23 5.75
CA LEU A 35 -9.26 -4.57 5.31
C LEU A 35 -9.70 -5.90 5.93
N MET A 36 -8.82 -6.89 5.87
CA MET A 36 -9.11 -8.20 6.43
C MET A 36 -9.20 -8.13 7.95
N ASP A 37 -8.35 -7.32 8.55
CA ASP A 37 -8.33 -7.15 10.00
C ASP A 37 -9.70 -6.73 10.52
N ILE A 38 -10.29 -5.71 9.90
CA ILE A 38 -11.60 -5.21 10.29
C ILE A 38 -12.68 -6.28 10.06
N LEU A 39 -12.69 -6.86 8.87
CA LEU A 39 -13.67 -7.87 8.53
C LEU A 39 -13.51 -9.10 9.43
N ASN A 40 -12.27 -9.47 9.70
CA ASN A 40 -11.99 -10.62 10.56
C ASN A 40 -12.57 -10.42 11.95
N GLU A 41 -12.24 -9.29 12.57
CA GLU A 41 -12.74 -8.98 13.91
C GLU A 41 -14.26 -8.92 13.93
N GLU A 42 -14.85 -8.51 12.81
CA GLU A 42 -16.30 -8.39 12.69
C GLU A 42 -16.86 -7.42 13.72
N ASN A 43 -16.75 -6.13 13.41
CA ASN A 43 -17.24 -5.09 14.31
C ASN A 43 -17.99 -4.02 13.53
#